data_4AG3
#
_entry.id   4AG3
#
_cell.length_a   78.200
_cell.length_b   112.210
_cell.length_c   116.980
_cell.angle_alpha   90.00
_cell.angle_beta   90.00
_cell.angle_gamma   90.00
#
_symmetry.space_group_name_H-M   'P 2 21 21'
#
loop_
_entity.id
_entity.type
_entity.pdbx_description
1 polymer '3-OXOACYL-[ACYL-CARRIER-PROTEIN] REDUCTASE FABG'
2 non-polymer 'NADPH DIHYDRO-NICOTINAMIDE-ADENINE-DINUCLEOTIDE PHOSPHATE'
3 non-polymer 'PENTAETHYLENE GLYCOL'
4 water water
#
_entity_poly.entity_id   1
_entity_poly.type   'polypeptide(L)'
_entity_poly.pdbx_seq_one_letter_code
;MHHHHHHSSGVDLGTENLYFQSMSLQGKVALVTGASRGIGQAIALELGRLGAVVIGTATSASGAEKIAETLKANGVEGAG
LVLDVSSDESVAATLEHIQQHLGQPLIVVNNAGITRDNLLVRMKDDEWFDVVNTNLNSLYRLSKAVLRGMTKARWGRIIN
IGSVVGAMGNAGQTNYAAAKAGLEGFTRALAREVGSRAITVNAVAPGFIDTDMTRELPEAQREALLGQIPLGRLGQAEEI
AKVVGFLASDGAAYVTGATVPVNGGMYMS
;
_entity_poly.pdbx_strand_id   A,B,C,D
#
loop_
_chem_comp.id
_chem_comp.type
_chem_comp.name
_chem_comp.formula
1PE non-polymer 'PENTAETHYLENE GLYCOL' 'C10 H22 O6'
NDP non-polymer 'NADPH DIHYDRO-NICOTINAMIDE-ADENINE-DINUCLEOTIDE PHOSPHATE' 'C21 H30 N7 O17 P3'
#
# COMPACT_ATOMS: atom_id res chain seq x y z
N GLU A 16 -35.49 -35.05 10.70
CA GLU A 16 -36.61 -34.07 10.45
C GLU A 16 -37.04 -33.33 11.72
N ASN A 17 -36.85 -33.96 12.89
CA ASN A 17 -37.31 -33.40 14.16
C ASN A 17 -36.34 -32.42 14.82
N LEU A 18 -35.14 -32.28 14.24
CA LEU A 18 -34.09 -31.47 14.83
C LEU A 18 -33.90 -30.13 14.11
N TYR A 19 -34.09 -29.04 14.85
CA TYR A 19 -33.96 -27.69 14.31
C TYR A 19 -32.77 -26.94 14.85
N PHE A 20 -31.74 -26.77 14.01
CA PHE A 20 -30.55 -26.04 14.41
C PHE A 20 -30.76 -24.54 14.32
N GLN A 21 -29.90 -23.79 14.99
CA GLN A 21 -29.96 -22.34 14.98
C GLN A 21 -29.57 -21.77 13.62
N SER A 22 -30.25 -20.71 13.21
CA SER A 22 -29.94 -20.07 11.94
C SER A 22 -28.57 -19.44 12.05
N MET A 23 -27.80 -19.51 10.96
CA MET A 23 -26.45 -19.01 10.94
C MET A 23 -26.33 -17.68 10.17
N SER A 24 -25.12 -17.13 10.12
CA SER A 24 -24.94 -15.77 9.67
C SER A 24 -25.38 -15.50 8.21
N LEU A 25 -25.45 -16.53 7.37
CA LEU A 25 -25.81 -16.36 5.97
C LEU A 25 -27.13 -17.07 5.64
N GLN A 26 -27.92 -17.36 6.66
CA GLN A 26 -29.08 -18.22 6.51
C GLN A 26 -29.95 -17.83 5.31
N GLY A 27 -30.08 -18.78 4.37
CA GLY A 27 -31.01 -18.62 3.24
C GLY A 27 -30.47 -17.78 2.09
N LYS A 28 -29.28 -17.18 2.23
CA LYS A 28 -28.69 -16.38 1.13
C LYS A 28 -28.27 -17.32 0.01
N VAL A 29 -28.60 -16.97 -1.24
CA VAL A 29 -28.05 -17.72 -2.40
C VAL A 29 -26.63 -17.23 -2.70
N ALA A 30 -25.67 -18.16 -2.70
CA ALA A 30 -24.27 -17.82 -2.93
C ALA A 30 -23.77 -18.53 -4.18
N LEU A 31 -22.90 -17.87 -4.95
CA LEU A 31 -22.28 -18.49 -6.11
C LEU A 31 -20.76 -18.47 -5.89
N VAL A 32 -20.11 -19.62 -6.01
CA VAL A 32 -18.65 -19.75 -5.80
C VAL A 32 -18.05 -20.37 -7.05
N THR A 33 -17.24 -19.59 -7.77
CA THR A 33 -16.67 -20.13 -9.05
C THR A 33 -15.43 -20.99 -8.71
N GLY A 34 -15.25 -22.12 -9.40
CA GLY A 34 -14.15 -23.02 -9.07
C GLY A 34 -14.26 -23.66 -7.70
N ALA A 35 -15.38 -24.34 -7.44
CA ALA A 35 -15.68 -24.93 -6.13
C ALA A 35 -15.38 -26.42 -6.10
N SER A 36 -14.82 -26.95 -7.19
CA SER A 36 -14.53 -28.40 -7.25
C SER A 36 -13.30 -28.86 -6.45
N ARG A 37 -12.44 -27.93 -6.07
CA ARG A 37 -11.25 -28.29 -5.30
C ARG A 37 -10.63 -27.06 -4.65
N GLY A 38 -9.61 -27.28 -3.82
CA GLY A 38 -8.79 -26.15 -3.35
C GLY A 38 -9.58 -25.16 -2.51
N ILE A 39 -9.21 -23.90 -2.66
CA ILE A 39 -9.80 -22.80 -1.91
C ILE A 39 -11.31 -22.64 -2.19
N GLY A 40 -11.72 -22.78 -3.45
CA GLY A 40 -13.15 -22.60 -3.77
C GLY A 40 -14.02 -23.66 -3.14
N GLN A 41 -13.52 -24.89 -3.08
CA GLN A 41 -14.24 -25.97 -2.39
C GLN A 41 -14.41 -25.66 -0.90
N ALA A 42 -13.31 -25.23 -0.24
CA ALA A 42 -13.37 -24.88 1.19
C ALA A 42 -14.38 -23.73 1.42
N ILE A 43 -14.34 -22.75 0.53
CA ILE A 43 -15.26 -21.61 0.59
C ILE A 43 -16.72 -22.10 0.43
N ALA A 44 -16.99 -22.95 -0.56
CA ALA A 44 -18.38 -23.44 -0.74
C ALA A 44 -18.89 -24.12 0.55
N LEU A 45 -18.06 -24.97 1.15
CA LEU A 45 -18.43 -25.65 2.37
C LEU A 45 -18.62 -24.71 3.57
N GLU A 46 -17.76 -23.70 3.68
CA GLU A 46 -17.90 -22.69 4.72
C GLU A 46 -19.19 -21.90 4.58
N LEU A 47 -19.49 -21.42 3.35
CA LEU A 47 -20.73 -20.64 3.15
C LEU A 47 -21.94 -21.51 3.48
N GLY A 48 -21.85 -22.78 3.09
CA GLY A 48 -22.91 -23.79 3.38
C GLY A 48 -23.11 -24.02 4.87
N ARG A 49 -21.99 -24.14 5.61
CA ARG A 49 -22.05 -24.28 7.07
C ARG A 49 -22.74 -23.07 7.71
N LEU A 50 -22.58 -21.91 7.07
CA LEU A 50 -23.17 -20.67 7.53
C LEU A 50 -24.60 -20.46 7.04
N GLY A 51 -25.17 -21.48 6.40
CA GLY A 51 -26.61 -21.45 6.09
C GLY A 51 -26.95 -21.00 4.67
N ALA A 52 -25.94 -20.71 3.84
CA ALA A 52 -26.23 -20.30 2.45
C ALA A 52 -26.69 -21.46 1.60
N VAL A 53 -27.47 -21.16 0.56
CA VAL A 53 -27.74 -22.11 -0.52
C VAL A 53 -26.58 -21.91 -1.51
N VAL A 54 -25.79 -22.97 -1.75
CA VAL A 54 -24.52 -22.77 -2.41
C VAL A 54 -24.49 -23.33 -3.84
N ILE A 55 -24.23 -22.45 -4.79
CA ILE A 55 -24.02 -22.90 -6.17
C ILE A 55 -22.52 -22.84 -6.46
N GLY A 56 -21.91 -23.99 -6.69
CA GLY A 56 -20.47 -24.04 -6.96
C GLY A 56 -20.28 -24.47 -8.41
N THR A 57 -19.20 -24.01 -9.03
CA THR A 57 -18.97 -24.31 -10.44
C THR A 57 -17.64 -24.99 -10.66
N ALA A 58 -17.58 -25.79 -11.74
CA ALA A 58 -16.36 -26.44 -12.18
C ALA A 58 -16.31 -26.30 -13.71
N THR A 59 -15.14 -26.58 -14.32
CA THR A 59 -15.04 -26.48 -15.78
C THR A 59 -15.47 -27.77 -16.49
N SER A 60 -15.80 -28.83 -15.74
CA SER A 60 -16.20 -30.11 -16.34
C SER A 60 -17.43 -30.68 -15.67
N ALA A 61 -18.20 -31.49 -16.41
CA ALA A 61 -19.37 -32.16 -15.86
C ALA A 61 -19.01 -33.02 -14.63
N SER A 62 -17.86 -33.68 -14.72
CA SER A 62 -17.30 -34.48 -13.63
CA SER A 62 -17.33 -34.48 -13.61
C SER A 62 -17.12 -33.65 -12.35
N GLY A 63 -16.49 -32.49 -12.49
CA GLY A 63 -16.29 -31.56 -11.37
C GLY A 63 -17.61 -31.02 -10.84
N ALA A 64 -18.58 -30.76 -11.74
CA ALA A 64 -19.91 -30.31 -11.31
C ALA A 64 -20.64 -31.38 -10.49
N GLU A 65 -20.51 -32.65 -10.91
CA GLU A 65 -21.04 -33.77 -10.16
C GLU A 65 -20.36 -33.88 -8.77
N LYS A 66 -19.03 -33.75 -8.73
CA LYS A 66 -18.28 -33.77 -7.46
C LYS A 66 -18.74 -32.68 -6.48
N ILE A 67 -18.96 -31.47 -6.97
CA ILE A 67 -19.53 -30.41 -6.13
C ILE A 67 -20.87 -30.81 -5.53
N ALA A 68 -21.78 -31.29 -6.38
CA ALA A 68 -23.11 -31.69 -5.92
C ALA A 68 -23.02 -32.74 -4.81
N GLU A 69 -22.16 -33.73 -5.02
CA GLU A 69 -21.97 -34.79 -4.05
C GLU A 69 -21.32 -34.33 -2.74
N THR A 70 -20.33 -33.42 -2.83
CA THR A 70 -19.66 -32.84 -1.65
C THR A 70 -20.63 -32.00 -0.84
N LEU A 71 -21.46 -31.22 -1.53
CA LEU A 71 -22.50 -30.44 -0.82
C LEU A 71 -23.49 -31.38 -0.10
N LYS A 72 -24.01 -32.37 -0.81
CA LYS A 72 -24.96 -33.32 -0.24
C LYS A 72 -24.37 -34.08 0.96
N ALA A 73 -23.14 -34.56 0.82
CA ALA A 73 -22.47 -35.25 1.93
C ALA A 73 -22.33 -34.36 3.17
N ASN A 74 -22.25 -33.05 2.98
CA ASN A 74 -22.14 -32.10 4.08
C ASN A 74 -23.47 -31.47 4.52
N GLY A 75 -24.56 -31.95 3.92
CA GLY A 75 -25.93 -31.50 4.26
C GLY A 75 -26.21 -30.06 3.83
N VAL A 76 -25.54 -29.63 2.77
CA VAL A 76 -25.69 -28.29 2.25
C VAL A 76 -26.60 -28.34 1.02
N GLU A 77 -27.65 -27.51 1.02
CA GLU A 77 -28.48 -27.35 -0.17
C GLU A 77 -27.76 -26.51 -1.25
N GLY A 78 -27.92 -26.89 -2.50
CA GLY A 78 -27.32 -26.14 -3.62
C GLY A 78 -27.15 -27.01 -4.86
N ALA A 79 -26.14 -26.67 -5.66
CA ALA A 79 -25.96 -27.29 -6.97
C ALA A 79 -24.52 -27.15 -7.41
N GLY A 80 -24.08 -28.10 -8.23
CA GLY A 80 -22.82 -28.00 -8.96
C GLY A 80 -23.16 -27.81 -10.44
N LEU A 81 -22.50 -26.84 -11.05
CA LEU A 81 -22.74 -26.51 -12.47
C LEU A 81 -21.44 -26.36 -13.20
N VAL A 82 -21.48 -26.49 -14.53
CA VAL A 82 -20.30 -26.25 -15.37
C VAL A 82 -20.23 -24.76 -15.71
N LEU A 83 -19.09 -24.12 -15.46
CA LEU A 83 -18.90 -22.74 -15.88
C LEU A 83 -17.44 -22.51 -16.30
N ASP A 84 -17.25 -21.82 -17.43
CA ASP A 84 -15.91 -21.38 -17.85
C ASP A 84 -15.95 -19.85 -17.78
N VAL A 85 -15.30 -19.28 -16.76
CA VAL A 85 -15.35 -17.82 -16.55
C VAL A 85 -14.54 -17.02 -17.60
N SER A 86 -13.79 -17.71 -18.46
CA SER A 86 -13.06 -17.04 -19.55
CA SER A 86 -13.07 -17.04 -19.55
C SER A 86 -13.93 -16.84 -20.79
N SER A 87 -15.15 -17.41 -20.76
CA SER A 87 -16.03 -17.46 -21.94
C SER A 87 -17.27 -16.58 -21.74
N ASP A 88 -17.45 -15.56 -22.59
CA ASP A 88 -18.64 -14.68 -22.50
C ASP A 88 -19.91 -15.52 -22.54
N GLU A 89 -19.99 -16.45 -23.49
CA GLU A 89 -21.18 -17.31 -23.68
C GLU A 89 -21.44 -18.27 -22.50
N SER A 90 -20.39 -18.90 -21.97
CA SER A 90 -20.56 -19.79 -20.82
C SER A 90 -21.07 -19.03 -19.60
N VAL A 91 -20.54 -17.84 -19.35
CA VAL A 91 -21.01 -17.03 -18.20
C VAL A 91 -22.48 -16.60 -18.40
N ALA A 92 -22.79 -16.03 -19.57
CA ALA A 92 -24.19 -15.68 -19.91
C ALA A 92 -25.20 -16.83 -19.71
N ALA A 93 -24.91 -17.99 -20.28
CA ALA A 93 -25.86 -19.12 -20.22
C ALA A 93 -26.02 -19.72 -18.81
N THR A 94 -24.92 -19.78 -18.07
CA THR A 94 -24.91 -20.34 -16.73
C THR A 94 -25.65 -19.41 -15.79
N LEU A 95 -25.40 -18.11 -15.91
CA LEU A 95 -26.03 -17.17 -14.99
C LEU A 95 -27.53 -17.04 -15.30
N GLU A 96 -27.90 -17.18 -16.58
CA GLU A 96 -29.31 -17.27 -16.94
C GLU A 96 -29.97 -18.53 -16.33
N HIS A 97 -29.31 -19.66 -16.45
CA HIS A 97 -29.82 -20.89 -15.83
C HIS A 97 -30.01 -20.73 -14.30
N ILE A 98 -29.02 -20.13 -13.65
CA ILE A 98 -29.07 -19.92 -12.20
C ILE A 98 -30.30 -19.04 -11.82
N GLN A 99 -30.47 -17.92 -12.53
CA GLN A 99 -31.62 -17.04 -12.24
C GLN A 99 -32.94 -17.73 -12.53
N GLN A 100 -32.98 -18.60 -13.55
CA GLN A 100 -34.24 -19.21 -13.96
CA GLN A 100 -34.23 -19.25 -13.99
C GLN A 100 -34.66 -20.38 -13.06
N HIS A 101 -33.70 -21.08 -12.49
CA HIS A 101 -34.04 -22.28 -11.72
C HIS A 101 -33.46 -22.45 -10.32
N LEU A 102 -32.48 -21.64 -9.96
CA LEU A 102 -31.84 -21.83 -8.66
C LEU A 102 -32.10 -20.65 -7.71
N GLY A 103 -31.82 -19.42 -8.14
CA GLY A 103 -32.06 -18.27 -7.27
C GLY A 103 -31.27 -17.08 -7.78
N GLN A 104 -31.31 -15.98 -7.05
CA GLN A 104 -30.56 -14.79 -7.42
C GLN A 104 -29.39 -14.67 -6.45
N PRO A 105 -28.14 -14.88 -6.92
CA PRO A 105 -26.98 -14.90 -6.01
C PRO A 105 -26.76 -13.52 -5.37
N LEU A 106 -26.81 -13.45 -4.04
CA LEU A 106 -26.55 -12.20 -3.31
C LEU A 106 -25.14 -12.16 -2.72
N ILE A 107 -24.51 -13.34 -2.72
CA ILE A 107 -23.11 -13.51 -2.34
C ILE A 107 -22.42 -14.17 -3.53
N VAL A 108 -21.38 -13.51 -4.05
CA VAL A 108 -20.66 -14.00 -5.23
C VAL A 108 -19.19 -13.96 -4.90
N VAL A 109 -18.55 -15.12 -4.98
CA VAL A 109 -17.14 -15.23 -4.70
C VAL A 109 -16.47 -15.61 -6.02
N ASN A 110 -15.68 -14.66 -6.53
CA ASN A 110 -14.93 -14.87 -7.77
C ASN A 110 -13.59 -15.51 -7.41
N ASN A 111 -13.59 -16.83 -7.38
CA ASN A 111 -12.45 -17.61 -6.93
C ASN A 111 -11.71 -18.27 -8.09
N ALA A 112 -12.39 -18.50 -9.20
CA ALA A 112 -11.77 -19.25 -10.30
C ALA A 112 -10.52 -18.48 -10.76
N GLY A 113 -9.42 -19.21 -11.00
CA GLY A 113 -8.19 -18.58 -11.48
C GLY A 113 -7.17 -19.62 -11.87
N ILE A 114 -6.21 -19.19 -12.72
CA ILE A 114 -5.14 -20.04 -13.25
C ILE A 114 -3.78 -19.32 -13.20
N THR A 115 -2.72 -20.07 -13.44
CA THR A 115 -1.38 -19.51 -13.67
C THR A 115 -0.91 -20.15 -14.96
N ARG A 116 -0.12 -19.38 -15.73
CA ARG A 116 0.63 -19.88 -16.89
CA ARG A 116 0.63 -19.89 -16.89
C ARG A 116 1.99 -19.19 -16.78
N ASP A 117 2.90 -19.76 -15.99
CA ASP A 117 4.14 -19.03 -15.64
C ASP A 117 5.21 -19.10 -16.75
N ASN A 118 5.96 -18.01 -16.88
CA ASN A 118 7.16 -17.95 -17.74
C ASN A 118 7.75 -16.58 -17.56
N LEU A 119 9.08 -16.49 -17.64
CA LEU A 119 9.76 -15.19 -17.81
C LEU A 119 9.15 -14.45 -19.00
N LEU A 120 9.00 -13.13 -18.87
CA LEU A 120 8.29 -12.38 -19.91
C LEU A 120 8.90 -12.58 -21.31
N VAL A 121 10.24 -12.64 -21.40
CA VAL A 121 10.93 -12.86 -22.69
C VAL A 121 10.64 -14.23 -23.29
N ARG A 122 10.25 -15.19 -22.46
CA ARG A 122 9.88 -16.53 -22.94
C ARG A 122 8.38 -16.76 -23.00
N MET A 123 7.58 -15.79 -22.56
CA MET A 123 6.13 -15.94 -22.46
C MET A 123 5.43 -15.89 -23.82
N LYS A 124 4.61 -16.90 -24.11
CA LYS A 124 3.81 -16.90 -25.35
C LYS A 124 2.58 -16.02 -25.19
N ASP A 125 2.07 -15.50 -26.30
CA ASP A 125 0.93 -14.62 -26.24
C ASP A 125 -0.29 -15.27 -25.56
N ASP A 126 -0.53 -16.54 -25.87
CA ASP A 126 -1.66 -17.26 -25.25
C ASP A 126 -1.46 -17.40 -23.74
N GLU A 127 -0.23 -17.53 -23.24
CA GLU A 127 -0.03 -17.54 -21.77
C GLU A 127 -0.38 -16.20 -21.10
N TRP A 128 0.00 -15.08 -21.73
CA TRP A 128 -0.39 -13.77 -21.22
C TRP A 128 -1.92 -13.63 -21.26
N PHE A 129 -2.48 -13.78 -22.47
CA PHE A 129 -3.88 -13.50 -22.65
CA PHE A 129 -3.92 -13.56 -22.73
C PHE A 129 -4.84 -14.40 -21.85
N ASP A 130 -4.52 -15.69 -21.74
CA ASP A 130 -5.38 -16.62 -20.99
CA ASP A 130 -5.39 -16.62 -20.99
C ASP A 130 -5.45 -16.25 -19.51
N VAL A 131 -4.30 -15.85 -18.94
CA VAL A 131 -4.28 -15.47 -17.53
C VAL A 131 -5.10 -14.18 -17.30
N VAL A 132 -4.92 -13.16 -18.11
CA VAL A 132 -5.68 -11.90 -17.91
C VAL A 132 -7.17 -12.19 -18.16
N ASN A 133 -7.43 -12.98 -19.19
CA ASN A 133 -8.83 -13.28 -19.55
C ASN A 133 -9.58 -14.14 -18.51
N THR A 134 -8.87 -15.09 -17.90
CA THR A 134 -9.47 -15.96 -16.89
C THR A 134 -9.56 -15.26 -15.53
N ASN A 135 -8.51 -14.53 -15.15
CA ASN A 135 -8.36 -14.04 -13.78
C ASN A 135 -8.87 -12.63 -13.57
N LEU A 136 -8.89 -11.85 -14.64
CA LEU A 136 -9.33 -10.43 -14.57
C LEU A 136 -10.60 -10.15 -15.35
N ASN A 137 -10.63 -10.52 -16.62
CA ASN A 137 -11.85 -10.25 -17.42
C ASN A 137 -13.07 -10.99 -16.88
N SER A 138 -12.84 -12.12 -16.19
CA SER A 138 -13.95 -12.87 -15.52
C SER A 138 -14.74 -12.00 -14.49
N LEU A 139 -14.07 -10.99 -13.91
CA LEU A 139 -14.68 -10.15 -12.88
C LEU A 139 -15.74 -9.28 -13.49
N TYR A 140 -15.48 -8.79 -14.69
CA TYR A 140 -16.45 -8.02 -15.44
C TYR A 140 -17.66 -8.92 -15.81
N ARG A 141 -17.37 -10.11 -16.35
CA ARG A 141 -18.42 -11.04 -16.80
C ARG A 141 -19.33 -11.38 -15.64
N LEU A 142 -18.78 -11.86 -14.52
CA LEU A 142 -19.61 -12.29 -13.38
C LEU A 142 -20.32 -11.10 -12.69
N SER A 143 -19.58 -10.02 -12.45
CA SER A 143 -20.19 -8.89 -11.68
C SER A 143 -21.31 -8.26 -12.43
N LYS A 144 -21.15 -8.09 -13.73
CA LYS A 144 -22.21 -7.53 -14.52
C LYS A 144 -23.50 -8.36 -14.51
N ALA A 145 -23.34 -9.68 -14.44
CA ALA A 145 -24.47 -10.62 -14.49
C ALA A 145 -25.25 -10.64 -13.15
N VAL A 146 -24.59 -10.32 -12.04
CA VAL A 146 -25.22 -10.46 -10.71
C VAL A 146 -25.66 -9.17 -10.04
N LEU A 147 -25.22 -8.01 -10.56
CA LEU A 147 -25.51 -6.74 -9.84
C LEU A 147 -26.97 -6.35 -9.72
N ARG A 148 -27.78 -6.55 -10.77
CA ARG A 148 -29.18 -6.10 -10.72
C ARG A 148 -29.91 -6.80 -9.55
N GLY A 149 -29.63 -8.10 -9.35
CA GLY A 149 -30.21 -8.82 -8.24
C GLY A 149 -29.85 -8.24 -6.87
N MET A 150 -28.59 -7.85 -6.70
CA MET A 150 -28.15 -7.26 -5.45
C MET A 150 -28.73 -5.86 -5.27
N THR A 151 -28.77 -5.08 -6.36
CA THR A 151 -29.34 -3.73 -6.26
C THR A 151 -30.81 -3.72 -5.89
N LYS A 152 -31.57 -4.70 -6.38
CA LYS A 152 -33.00 -4.81 -6.02
C LYS A 152 -33.20 -5.25 -4.58
N ALA A 153 -32.35 -6.17 -4.10
CA ALA A 153 -32.42 -6.62 -2.70
C ALA A 153 -31.92 -5.57 -1.71
N ARG A 154 -31.17 -4.60 -2.21
CA ARG A 154 -30.44 -3.61 -1.40
C ARG A 154 -29.51 -4.31 -0.42
N TRP A 155 -28.85 -5.38 -0.87
CA TRP A 155 -27.85 -6.06 -0.06
C TRP A 155 -27.06 -6.93 -1.02
N GLY A 156 -25.74 -6.98 -0.83
CA GLY A 156 -24.95 -7.93 -1.61
C GLY A 156 -23.54 -8.03 -1.09
N ARG A 157 -22.84 -9.09 -1.51
CA ARG A 157 -21.42 -9.26 -1.21
C ARG A 157 -20.75 -9.77 -2.46
N ILE A 158 -19.75 -9.05 -2.95
CA ILE A 158 -18.84 -9.59 -3.98
C ILE A 158 -17.48 -9.71 -3.33
N ILE A 159 -16.89 -10.90 -3.40
CA ILE A 159 -15.65 -11.15 -2.74
C ILE A 159 -14.74 -11.76 -3.81
N ASN A 160 -13.64 -11.08 -4.09
CA ASN A 160 -12.74 -11.50 -5.19
C ASN A 160 -11.46 -12.09 -4.62
N ILE A 161 -11.06 -13.28 -5.09
CA ILE A 161 -9.88 -13.89 -4.56
C ILE A 161 -8.67 -13.49 -5.36
N GLY A 162 -7.84 -12.65 -4.73
CA GLY A 162 -6.62 -12.09 -5.33
C GLY A 162 -5.43 -12.98 -5.05
N SER A 163 -4.27 -12.37 -4.84
CA SER A 163 -3.03 -13.10 -4.47
C SER A 163 -2.05 -12.11 -3.92
N VAL A 164 -1.23 -12.57 -2.96
CA VAL A 164 -0.08 -11.82 -2.50
C VAL A 164 0.81 -11.38 -3.68
N VAL A 165 0.82 -12.15 -4.76
CA VAL A 165 1.63 -11.82 -5.92
C VAL A 165 1.19 -10.51 -6.59
N GLY A 166 -0.10 -10.14 -6.46
CA GLY A 166 -0.55 -8.85 -6.95
C GLY A 166 0.18 -7.67 -6.29
N ALA A 167 0.37 -7.75 -4.97
CA ALA A 167 1.05 -6.65 -4.25
C ALA A 167 2.56 -6.75 -4.26
N MET A 168 3.06 -7.97 -4.26
CA MET A 168 4.49 -8.22 -4.09
C MET A 168 5.25 -8.31 -5.41
N GLY A 169 4.56 -8.78 -6.46
CA GLY A 169 5.22 -9.17 -7.70
C GLY A 169 5.96 -10.50 -7.51
N ASN A 170 6.24 -11.20 -8.61
CA ASN A 170 7.03 -12.46 -8.55
C ASN A 170 7.59 -12.68 -9.95
N ALA A 171 8.88 -13.00 -10.03
CA ALA A 171 9.56 -13.34 -11.29
C ALA A 171 8.86 -14.57 -11.92
N GLY A 172 8.62 -14.55 -13.23
CA GLY A 172 7.92 -15.64 -13.90
C GLY A 172 6.42 -15.47 -13.94
N GLN A 173 5.89 -14.43 -13.28
CA GLN A 173 4.44 -14.27 -13.09
C GLN A 173 3.95 -12.87 -13.42
N THR A 174 4.53 -12.24 -14.43
CA THR A 174 4.06 -10.91 -14.80
C THR A 174 2.58 -10.91 -15.21
N ASN A 175 2.14 -11.97 -15.86
CA ASN A 175 0.72 -12.06 -16.29
C ASN A 175 -0.22 -12.19 -15.06
N TYR A 176 0.12 -13.11 -14.17
CA TYR A 176 -0.64 -13.36 -12.93
C TYR A 176 -0.62 -12.14 -12.02
N ALA A 177 0.57 -11.51 -11.87
CA ALA A 177 0.62 -10.28 -11.04
C ALA A 177 -0.24 -9.16 -11.59
N ALA A 178 -0.21 -8.98 -12.92
CA ALA A 178 -1.05 -7.93 -13.55
C ALA A 178 -2.52 -8.24 -13.32
N ALA A 179 -2.92 -9.49 -13.55
CA ALA A 179 -4.34 -9.86 -13.37
C ALA A 179 -4.79 -9.69 -11.90
N LYS A 180 -3.96 -10.17 -10.98
CA LYS A 180 -4.33 -10.14 -9.56
C LYS A 180 -4.25 -8.73 -8.97
N ALA A 181 -3.29 -7.92 -9.41
CA ALA A 181 -3.32 -6.51 -8.99
C ALA A 181 -4.51 -5.77 -9.62
N GLY A 182 -4.83 -6.11 -10.87
CA GLY A 182 -6.04 -5.51 -11.52
C GLY A 182 -7.33 -5.82 -10.79
N LEU A 183 -7.41 -7.05 -10.28
CA LEU A 183 -8.52 -7.51 -9.49
C LEU A 183 -8.78 -6.59 -8.28
N GLU A 184 -7.72 -6.14 -7.62
CA GLU A 184 -7.87 -5.19 -6.50
C GLU A 184 -8.32 -3.81 -6.97
N GLY A 185 -7.81 -3.35 -8.10
CA GLY A 185 -8.27 -2.07 -8.66
C GLY A 185 -9.74 -2.13 -9.00
N PHE A 186 -10.14 -3.26 -9.63
CA PHE A 186 -11.57 -3.49 -9.94
C PHE A 186 -12.44 -3.45 -8.67
N THR A 187 -11.97 -4.16 -7.64
CA THR A 187 -12.66 -4.25 -6.34
C THR A 187 -12.91 -2.87 -5.80
N ARG A 188 -11.88 -2.03 -5.78
CA ARG A 188 -12.02 -0.69 -5.21
C ARG A 188 -12.98 0.17 -5.99
N ALA A 189 -12.85 0.16 -7.30
CA ALA A 189 -13.78 0.99 -8.12
C ALA A 189 -15.24 0.53 -8.01
N LEU A 190 -15.46 -0.78 -8.05
CA LEU A 190 -16.85 -1.30 -7.98
C LEU A 190 -17.45 -0.99 -6.60
N ALA A 191 -16.64 -1.14 -5.53
CA ALA A 191 -17.09 -0.78 -4.18
C ALA A 191 -17.62 0.67 -4.14
N ARG A 192 -16.94 1.58 -4.83
CA ARG A 192 -17.46 2.98 -4.91
C ARG A 192 -18.77 3.10 -5.65
N GLU A 193 -19.00 2.23 -6.62
CA GLU A 193 -20.23 2.34 -7.43
C GLU A 193 -21.46 1.84 -6.72
N VAL A 194 -21.29 0.78 -5.92
CA VAL A 194 -22.46 0.03 -5.43
C VAL A 194 -22.73 0.21 -3.93
N GLY A 195 -21.83 0.90 -3.23
CA GLY A 195 -21.96 1.12 -1.79
C GLY A 195 -23.27 1.69 -1.32
N SER A 196 -23.87 2.59 -2.12
CA SER A 196 -25.12 3.23 -1.69
C SER A 196 -26.31 2.25 -1.69
N ARG A 197 -26.12 1.07 -2.24
CA ARG A 197 -27.15 0.02 -2.18
C ARG A 197 -26.80 -1.08 -1.20
N ALA A 198 -25.81 -0.81 -0.33
CA ALA A 198 -25.39 -1.73 0.75
C ALA A 198 -24.84 -3.03 0.18
N ILE A 199 -24.12 -2.90 -0.93
CA ILE A 199 -23.41 -4.03 -1.52
C ILE A 199 -21.96 -3.72 -1.18
N THR A 200 -21.27 -4.66 -0.53
CA THR A 200 -19.83 -4.46 -0.32
C THR A 200 -19.06 -5.24 -1.36
N VAL A 201 -17.87 -4.74 -1.70
CA VAL A 201 -17.00 -5.42 -2.65
C VAL A 201 -15.60 -5.46 -2.05
N ASN A 202 -15.06 -6.66 -1.82
CA ASN A 202 -13.80 -6.82 -1.13
C ASN A 202 -12.95 -7.89 -1.81
N ALA A 203 -11.67 -7.84 -1.54
CA ALA A 203 -10.75 -8.85 -2.07
C ALA A 203 -10.07 -9.57 -0.92
N VAL A 204 -9.83 -10.87 -1.09
CA VAL A 204 -9.00 -11.63 -0.14
C VAL A 204 -7.77 -12.06 -0.93
N ALA A 205 -6.60 -11.84 -0.35
CA ALA A 205 -5.34 -12.12 -1.03
C ALA A 205 -4.56 -13.18 -0.26
N PRO A 206 -4.78 -14.44 -0.63
CA PRO A 206 -4.02 -15.53 -0.01
C PRO A 206 -2.54 -15.44 -0.35
N GLY A 207 -1.72 -16.02 0.52
CA GLY A 207 -0.29 -16.08 0.28
C GLY A 207 0.01 -17.37 -0.42
N PHE A 208 0.52 -18.34 0.30
CA PHE A 208 0.79 -19.63 -0.29
C PHE A 208 0.03 -20.68 0.51
N ILE A 209 -0.94 -21.28 -0.18
CA ILE A 209 -1.95 -22.15 0.45
C ILE A 209 -1.78 -23.57 -0.11
N ASP A 210 -2.00 -24.56 0.74
CA ASP A 210 -1.75 -25.97 0.34
C ASP A 210 -2.93 -26.44 -0.56
N THR A 211 -2.78 -26.25 -1.87
CA THR A 211 -3.76 -26.69 -2.89
C THR A 211 -2.99 -27.22 -4.10
N ASP A 212 -3.71 -27.70 -5.13
CA ASP A 212 -3.08 -28.15 -6.40
C ASP A 212 -2.17 -27.06 -6.98
N MET A 213 -2.62 -25.81 -6.92
CA MET A 213 -1.84 -24.74 -7.53
C MET A 213 -0.43 -24.61 -6.90
N THR A 214 -0.35 -24.67 -5.58
CA THR A 214 0.96 -24.58 -4.91
C THR A 214 1.72 -25.92 -4.86
N ARG A 215 1.01 -27.05 -4.81
CA ARG A 215 1.67 -28.36 -4.78
C ARG A 215 2.42 -28.68 -6.07
N GLU A 216 2.11 -27.94 -7.13
CA GLU A 216 2.77 -28.10 -8.45
C GLU A 216 4.20 -27.54 -8.45
N LEU A 217 4.45 -26.52 -7.63
CA LEU A 217 5.81 -26.00 -7.48
C LEU A 217 6.78 -27.09 -7.04
N PRO A 218 8.02 -27.04 -7.56
CA PRO A 218 9.02 -28.02 -7.10
C PRO A 218 9.27 -27.90 -5.61
N GLU A 219 9.55 -29.04 -4.99
CA GLU A 219 9.84 -29.14 -3.56
CA GLU A 219 9.83 -29.12 -3.56
C GLU A 219 10.87 -28.11 -3.07
N ALA A 220 11.96 -27.94 -3.83
CA ALA A 220 13.01 -26.97 -3.44
C ALA A 220 12.45 -25.55 -3.33
N GLN A 221 11.55 -25.19 -4.24
CA GLN A 221 10.96 -23.86 -4.25
C GLN A 221 9.95 -23.67 -3.10
N ARG A 222 9.18 -24.72 -2.79
CA ARG A 222 8.26 -24.70 -1.63
C ARG A 222 8.97 -24.62 -0.27
N GLU A 223 10.10 -25.31 -0.13
CA GLU A 223 10.86 -25.26 1.12
C GLU A 223 11.51 -23.88 1.33
N ALA A 224 11.91 -23.25 0.21
CA ALA A 224 12.43 -21.88 0.22
C ALA A 224 11.35 -20.89 0.65
N LEU A 225 10.15 -21.09 0.12
CA LEU A 225 8.99 -20.27 0.49
C LEU A 225 8.79 -20.20 2.00
N LEU A 226 8.86 -21.37 2.66
CA LEU A 226 8.68 -21.49 4.11
C LEU A 226 9.62 -20.59 4.87
N GLY A 227 10.87 -20.48 4.38
CA GLY A 227 11.82 -19.52 4.94
C GLY A 227 11.39 -18.06 4.87
N GLN A 228 10.43 -17.74 4.01
CA GLN A 228 9.95 -16.36 3.83
C GLN A 228 8.69 -16.09 4.64
N ILE A 229 8.15 -17.13 5.28
CA ILE A 229 6.85 -17.03 5.97
C ILE A 229 7.03 -17.08 7.50
N PRO A 230 6.75 -15.96 8.20
CA PRO A 230 6.89 -15.87 9.67
C PRO A 230 6.18 -17.00 10.43
N LEU A 231 5.01 -17.43 9.96
CA LEU A 231 4.32 -18.51 10.63
C LEU A 231 4.95 -19.86 10.33
N GLY A 232 5.80 -19.90 9.30
CA GLY A 232 6.65 -21.10 9.10
C GLY A 232 5.88 -22.29 8.51
N ARG A 233 4.77 -22.01 7.84
CA ARG A 233 3.91 -23.04 7.24
C ARG A 233 3.13 -22.47 6.09
N LEU A 234 2.69 -23.34 5.18
CA LEU A 234 1.65 -22.95 4.23
C LEU A 234 0.30 -22.81 4.95
N GLY A 235 -0.57 -22.01 4.38
CA GLY A 235 -1.93 -21.86 4.91
C GLY A 235 -2.79 -23.04 4.46
N GLN A 236 -3.96 -23.20 5.08
CA GLN A 236 -4.92 -24.24 4.67
C GLN A 236 -6.04 -23.59 3.91
N ALA A 237 -6.61 -24.32 2.94
CA ALA A 237 -7.76 -23.76 2.20
C ALA A 237 -8.87 -23.28 3.14
N GLU A 238 -9.09 -24.03 4.23
CA GLU A 238 -10.08 -23.64 5.24
C GLU A 238 -9.82 -22.31 5.88
N GLU A 239 -8.55 -21.94 6.01
CA GLU A 239 -8.21 -20.62 6.57
C GLU A 239 -8.59 -19.46 5.64
N ILE A 240 -8.60 -19.67 4.33
CA ILE A 240 -9.06 -18.64 3.44
C ILE A 240 -10.59 -18.60 3.54
N ALA A 241 -11.20 -19.79 3.59
CA ALA A 241 -12.67 -19.90 3.64
C ALA A 241 -13.27 -19.18 4.85
N LYS A 242 -12.59 -19.29 6.00
CA LYS A 242 -13.11 -18.61 7.21
C LYS A 242 -13.17 -17.11 7.00
N VAL A 243 -12.13 -16.55 6.38
CA VAL A 243 -12.09 -15.11 6.10
C VAL A 243 -13.22 -14.70 5.14
N VAL A 244 -13.39 -15.47 4.06
CA VAL A 244 -14.44 -15.17 3.07
C VAL A 244 -15.82 -15.23 3.76
N GLY A 245 -16.02 -16.26 4.58
CA GLY A 245 -17.30 -16.43 5.27
C GLY A 245 -17.59 -15.24 6.20
N PHE A 246 -16.56 -14.73 6.88
CA PHE A 246 -16.74 -13.51 7.66
C PHE A 246 -17.11 -12.30 6.81
N LEU A 247 -16.36 -12.02 5.74
CA LEU A 247 -16.70 -10.88 4.90
C LEU A 247 -18.10 -10.96 4.30
N ALA A 248 -18.57 -12.18 4.05
CA ALA A 248 -19.94 -12.35 3.50
C ALA A 248 -21.04 -11.99 4.54
N SER A 249 -20.69 -11.92 5.82
CA SER A 249 -21.68 -11.72 6.90
C SER A 249 -22.00 -10.23 7.18
N ASP A 250 -23.07 -9.98 7.92
CA ASP A 250 -23.33 -8.57 8.34
C ASP A 250 -22.35 -8.08 9.39
N GLY A 251 -21.56 -8.96 9.97
CA GLY A 251 -20.43 -8.50 10.80
C GLY A 251 -19.40 -7.64 10.06
N ALA A 252 -19.27 -7.86 8.75
CA ALA A 252 -18.36 -7.11 7.91
C ALA A 252 -19.09 -6.05 7.04
N ALA A 253 -20.29 -5.64 7.47
CA ALA A 253 -21.05 -4.67 6.66
C ALA A 253 -20.35 -3.32 6.46
N TYR A 254 -19.34 -2.99 7.30
CA TYR A 254 -18.67 -1.68 7.15
C TYR A 254 -17.28 -1.79 6.49
N VAL A 255 -16.99 -2.96 5.96
CA VAL A 255 -15.74 -3.18 5.27
C VAL A 255 -16.07 -3.20 3.80
N THR A 256 -15.56 -2.24 3.06
CA THR A 256 -15.71 -2.33 1.58
C THR A 256 -14.50 -1.70 0.87
N GLY A 257 -14.15 -2.28 -0.29
CA GLY A 257 -12.99 -1.83 -1.06
C GLY A 257 -11.68 -2.28 -0.44
N ALA A 258 -11.77 -3.19 0.53
CA ALA A 258 -10.58 -3.66 1.25
C ALA A 258 -9.93 -4.84 0.53
N THR A 259 -8.63 -4.97 0.70
CA THR A 259 -7.93 -6.23 0.39
C THR A 259 -7.43 -6.82 1.72
N VAL A 260 -7.90 -8.02 2.09
CA VAL A 260 -7.46 -8.66 3.30
C VAL A 260 -6.38 -9.69 2.92
N PRO A 261 -5.14 -9.46 3.36
CA PRO A 261 -4.08 -10.40 3.09
C PRO A 261 -4.15 -11.57 4.07
N VAL A 262 -4.01 -12.79 3.54
CA VAL A 262 -4.06 -13.99 4.38
C VAL A 262 -2.86 -14.84 3.95
N ASN A 263 -1.69 -14.48 4.48
CA ASN A 263 -0.44 -14.94 3.90
C ASN A 263 0.62 -15.39 4.91
N GLY A 264 0.21 -15.53 6.17
CA GLY A 264 1.12 -15.93 7.22
C GLY A 264 2.24 -14.93 7.48
N GLY A 265 2.05 -13.68 7.02
CA GLY A 265 3.02 -12.62 7.21
C GLY A 265 4.11 -12.56 6.16
N MET A 266 3.97 -13.38 5.12
CA MET A 266 4.93 -13.39 4.02
C MET A 266 5.05 -11.99 3.47
N TYR A 267 3.94 -11.28 3.39
CA TYR A 267 3.97 -9.96 2.85
C TYR A 267 3.05 -9.07 3.65
N MET A 268 3.61 -7.93 4.02
CA MET A 268 2.89 -7.04 4.90
C MET A 268 2.90 -5.70 4.16
N SER A 269 1.69 -5.17 4.01
CA SER A 269 1.44 -3.88 3.36
C SER A 269 0.57 -3.02 4.28
C MET B 23 23.14 13.99 -20.41
N SER B 24 22.19 14.02 -19.50
CA SER B 24 22.00 12.89 -18.59
C SER B 24 21.55 11.61 -19.32
N LEU B 25 20.96 11.76 -20.52
CA LEU B 25 20.55 10.60 -21.35
C LEU B 25 21.22 10.53 -22.73
N GLN B 26 22.28 11.31 -22.91
CA GLN B 26 22.96 11.38 -24.20
C GLN B 26 23.47 10.00 -24.64
N GLY B 27 23.25 9.68 -25.91
CA GLY B 27 23.61 8.38 -26.47
C GLY B 27 22.58 7.26 -26.34
N LYS B 28 21.47 7.51 -25.61
CA LYS B 28 20.41 6.51 -25.42
C LYS B 28 19.29 6.76 -26.40
N VAL B 29 18.63 5.70 -26.86
CA VAL B 29 17.39 5.83 -27.61
C VAL B 29 16.20 5.58 -26.67
N ALA B 30 15.22 6.48 -26.70
CA ALA B 30 14.00 6.33 -25.90
C ALA B 30 12.79 6.14 -26.80
N LEU B 31 11.90 5.23 -26.41
CA LEU B 31 10.61 5.06 -27.12
C LEU B 31 9.49 5.55 -26.20
N VAL B 32 8.67 6.48 -26.66
CA VAL B 32 7.56 7.00 -25.82
C VAL B 32 6.26 6.77 -26.55
N THR B 33 5.36 5.94 -26.02
CA THR B 33 4.13 5.63 -26.74
C THR B 33 3.10 6.72 -26.47
N GLY B 34 2.36 7.15 -27.49
CA GLY B 34 1.38 8.21 -27.23
C GLY B 34 2.02 9.60 -27.04
N ALA B 35 2.90 9.99 -27.96
CA ALA B 35 3.69 11.23 -27.79
C ALA B 35 3.16 12.44 -28.59
N SER B 36 2.01 12.27 -29.23
CA SER B 36 1.44 13.34 -30.08
C SER B 36 0.80 14.51 -29.30
N ARG B 37 0.44 14.29 -28.03
CA ARG B 37 -0.19 15.34 -27.24
C ARG B 37 -0.10 14.98 -25.74
N GLY B 38 -0.58 15.88 -24.88
CA GLY B 38 -0.72 15.60 -23.44
C GLY B 38 0.55 15.14 -22.74
N ILE B 39 0.40 14.21 -21.81
CA ILE B 39 1.55 13.73 -20.99
C ILE B 39 2.66 13.11 -21.85
N GLY B 40 2.29 12.32 -22.84
CA GLY B 40 3.31 11.69 -23.69
C GLY B 40 4.20 12.67 -24.45
N GLN B 41 3.59 13.73 -24.97
CA GLN B 41 4.31 14.76 -25.65
C GLN B 41 5.29 15.46 -24.69
N ALA B 42 4.82 15.82 -23.51
CA ALA B 42 5.74 16.45 -22.52
C ALA B 42 6.88 15.51 -22.15
N ILE B 43 6.58 14.21 -21.98
CA ILE B 43 7.62 13.20 -21.69
C ILE B 43 8.64 13.13 -22.83
N ALA B 44 8.15 13.07 -24.06
CA ALA B 44 9.09 12.97 -25.20
C ALA B 44 10.02 14.20 -25.25
N LEU B 45 9.45 15.38 -25.07
CA LEU B 45 10.26 16.60 -25.05
C LEU B 45 11.28 16.66 -23.89
N GLU B 46 10.87 16.17 -22.73
CA GLU B 46 11.74 16.17 -21.55
C GLU B 46 12.89 15.21 -21.75
N LEU B 47 12.61 13.98 -22.21
CA LEU B 47 13.71 13.03 -22.49
C LEU B 47 14.67 13.56 -23.56
N GLY B 48 14.08 14.20 -24.58
CA GLY B 48 14.84 14.90 -25.60
C GLY B 48 15.73 16.01 -25.03
N ARG B 49 15.19 16.84 -24.13
CA ARG B 49 15.95 17.89 -23.42
CA ARG B 49 16.00 17.89 -23.49
C ARG B 49 17.16 17.31 -22.68
N LEU B 50 17.02 16.07 -22.21
CA LEU B 50 18.05 15.36 -21.43
C LEU B 50 19.11 14.68 -22.32
N GLY B 51 18.88 14.72 -23.62
CA GLY B 51 19.86 14.29 -24.63
C GLY B 51 19.53 12.96 -25.29
N ALA B 52 18.33 12.44 -25.03
CA ALA B 52 17.93 11.17 -25.63
C ALA B 52 17.56 11.41 -27.10
N VAL B 53 17.81 10.42 -27.95
CA VAL B 53 17.19 10.37 -29.28
C VAL B 53 15.79 9.78 -29.06
N VAL B 54 14.76 10.51 -29.43
CA VAL B 54 13.39 10.13 -29.00
C VAL B 54 12.56 9.60 -30.15
N ILE B 55 12.04 8.38 -30.01
CA ILE B 55 11.03 7.88 -30.94
C ILE B 55 9.67 8.02 -30.29
N GLY B 56 8.84 8.95 -30.76
CA GLY B 56 7.49 9.13 -30.17
C GLY B 56 6.43 8.52 -31.08
N THR B 57 5.37 7.94 -30.49
CA THR B 57 4.37 7.22 -31.30
C THR B 57 3.01 7.94 -31.32
N ALA B 58 2.29 7.78 -32.43
CA ALA B 58 0.91 8.20 -32.62
C ALA B 58 0.14 7.06 -33.31
N THR B 59 -1.17 7.14 -33.31
CA THR B 59 -1.96 6.07 -33.94
C THR B 59 -2.18 6.30 -35.44
N SER B 60 -1.75 7.45 -35.97
CA SER B 60 -1.94 7.78 -37.39
C SER B 60 -0.64 8.31 -37.98
N ALA B 61 -0.52 8.22 -39.30
CA ALA B 61 0.67 8.72 -40.02
C ALA B 61 0.88 10.22 -39.82
N SER B 62 -0.21 10.99 -39.88
CA SER B 62 -0.11 12.44 -39.72
C SER B 62 0.31 12.77 -38.31
N GLY B 63 -0.13 11.99 -37.34
CA GLY B 63 0.32 12.16 -35.98
C GLY B 63 1.82 11.88 -35.84
N ALA B 64 2.30 10.86 -36.53
CA ALA B 64 3.72 10.53 -36.43
C ALA B 64 4.54 11.63 -37.10
N GLU B 65 4.07 12.10 -38.25
CA GLU B 65 4.73 13.19 -38.95
C GLU B 65 4.80 14.45 -38.08
N LYS B 66 3.69 14.78 -37.41
CA LYS B 66 3.67 15.91 -36.47
C LYS B 66 4.64 15.74 -35.26
N ILE B 67 4.75 14.52 -34.71
CA ILE B 67 5.74 14.25 -33.65
C ILE B 67 7.13 14.58 -34.14
N ALA B 68 7.47 14.09 -35.33
CA ALA B 68 8.83 14.31 -35.84
C ALA B 68 9.11 15.81 -35.95
N GLU B 69 8.13 16.55 -36.47
CA GLU B 69 8.29 17.99 -36.64
C GLU B 69 8.37 18.75 -35.32
N THR B 70 7.57 18.32 -34.32
CA THR B 70 7.55 18.93 -32.99
C THR B 70 8.87 18.75 -32.27
N LEU B 71 9.40 17.52 -32.34
CA LEU B 71 10.73 17.26 -31.77
C LEU B 71 11.78 18.13 -32.44
N LYS B 72 11.76 18.21 -33.78
CA LYS B 72 12.69 19.08 -34.51
C LYS B 72 12.57 20.55 -34.08
N ALA B 73 11.33 21.04 -33.99
CA ALA B 73 11.06 22.44 -33.60
C ALA B 73 11.65 22.76 -32.22
N ASN B 74 11.79 21.73 -31.38
CA ASN B 74 12.34 21.85 -30.04
C ASN B 74 13.82 21.43 -29.95
N GLY B 75 14.47 21.24 -31.11
CA GLY B 75 15.88 20.86 -31.13
C GLY B 75 16.14 19.46 -30.61
N VAL B 76 15.18 18.56 -30.75
CA VAL B 76 15.36 17.21 -30.24
C VAL B 76 15.48 16.28 -31.44
N GLU B 77 16.51 15.41 -31.40
CA GLU B 77 16.71 14.39 -32.44
C GLU B 77 15.80 13.20 -32.18
N GLY B 78 15.21 12.68 -33.25
CA GLY B 78 14.36 11.51 -33.12
C GLY B 78 13.46 11.35 -34.30
N ALA B 79 12.33 10.69 -34.07
CA ALA B 79 11.41 10.34 -35.19
C ALA B 79 10.02 10.07 -34.66
N GLY B 80 9.04 10.09 -35.56
CA GLY B 80 7.68 9.68 -35.22
C GLY B 80 7.44 8.26 -35.73
N LEU B 81 6.62 7.54 -35.01
CA LEU B 81 6.31 6.15 -35.35
C LEU B 81 4.80 5.95 -35.25
N VAL B 82 4.21 5.31 -36.25
CA VAL B 82 2.80 4.93 -36.17
C VAL B 82 2.76 3.62 -35.40
N LEU B 83 2.00 3.61 -34.31
CA LEU B 83 1.93 2.42 -33.45
C LEU B 83 0.56 2.35 -32.82
N ASP B 84 -0.07 1.18 -32.91
CA ASP B 84 -1.27 0.88 -32.13
C ASP B 84 -0.91 -0.18 -31.07
N VAL B 85 -0.81 0.25 -29.81
CA VAL B 85 -0.39 -0.65 -28.73
C VAL B 85 -1.47 -1.70 -28.36
N SER B 86 -2.67 -1.52 -28.90
CA SER B 86 -3.74 -2.50 -28.72
C SER B 86 -3.67 -3.65 -29.74
N SER B 87 -2.74 -3.56 -30.69
CA SER B 87 -2.60 -4.53 -31.81
C SER B 87 -1.33 -5.38 -31.71
N ASP B 88 -1.51 -6.72 -31.68
CA ASP B 88 -0.36 -7.62 -31.61
C ASP B 88 0.61 -7.39 -32.79
N GLU B 89 0.04 -7.29 -33.99
CA GLU B 89 0.82 -7.10 -35.22
C GLU B 89 1.51 -5.73 -35.29
N SER B 90 0.79 -4.67 -34.96
CA SER B 90 1.36 -3.31 -35.04
C SER B 90 2.62 -3.20 -34.16
N VAL B 91 2.56 -3.71 -32.92
CA VAL B 91 3.75 -3.68 -32.03
C VAL B 91 4.92 -4.57 -32.49
N ALA B 92 4.64 -5.85 -32.73
CA ALA B 92 5.72 -6.83 -32.98
C ALA B 92 6.48 -6.44 -34.23
N ALA B 93 5.73 -6.10 -35.27
CA ALA B 93 6.32 -5.83 -36.59
C ALA B 93 7.09 -4.52 -36.59
N THR B 94 6.49 -3.49 -36.00
CA THR B 94 7.10 -2.16 -35.97
C THR B 94 8.36 -2.10 -35.09
N LEU B 95 8.35 -2.81 -33.97
CA LEU B 95 9.51 -2.87 -33.08
C LEU B 95 10.66 -3.71 -33.66
N GLU B 96 10.31 -4.82 -34.30
CA GLU B 96 11.29 -5.64 -35.01
C GLU B 96 12.02 -4.78 -36.02
N HIS B 97 11.29 -4.01 -36.83
CA HIS B 97 11.88 -3.13 -37.82
C HIS B 97 12.88 -2.12 -37.22
N ILE B 98 12.43 -1.37 -36.22
CA ILE B 98 13.26 -0.37 -35.55
C ILE B 98 14.53 -0.93 -34.91
N GLN B 99 14.45 -2.14 -34.37
CA GLN B 99 15.57 -2.78 -33.67
C GLN B 99 16.63 -3.39 -34.58
N GLN B 100 16.20 -3.81 -35.78
CA GLN B 100 17.12 -4.37 -36.76
C GLN B 100 17.76 -3.29 -37.61
N HIS B 101 17.01 -2.21 -37.87
CA HIS B 101 17.43 -1.24 -38.88
C HIS B 101 17.84 0.14 -38.33
N LEU B 102 17.23 0.55 -37.22
CA LEU B 102 17.42 1.90 -36.64
C LEU B 102 18.18 1.94 -35.28
N GLY B 103 17.89 1.03 -34.34
CA GLY B 103 18.65 0.98 -33.08
C GLY B 103 17.86 0.34 -31.95
N GLN B 104 18.48 0.17 -30.77
CA GLN B 104 17.83 -0.49 -29.63
CA GLN B 104 17.80 -0.48 -29.64
C GLN B 104 17.35 0.54 -28.60
N PRO B 105 16.02 0.66 -28.40
CA PRO B 105 15.55 1.60 -27.35
C PRO B 105 15.93 1.06 -25.98
N LEU B 106 16.65 1.85 -25.19
CA LEU B 106 16.98 1.40 -23.84
C LEU B 106 16.11 2.05 -22.77
N ILE B 107 15.32 3.04 -23.18
CA ILE B 107 14.32 3.67 -22.30
C ILE B 107 12.97 3.55 -22.99
N VAL B 108 12.03 2.90 -22.32
CA VAL B 108 10.71 2.73 -22.90
C VAL B 108 9.68 3.26 -21.94
N VAL B 109 8.84 4.19 -22.41
CA VAL B 109 7.81 4.75 -21.56
C VAL B 109 6.45 4.35 -22.15
N ASN B 110 5.75 3.47 -21.43
CA ASN B 110 4.41 3.02 -21.80
C ASN B 110 3.41 4.03 -21.32
N ASN B 111 3.18 5.02 -22.17
CA ASN B 111 2.29 6.12 -21.81
C ASN B 111 0.90 5.98 -22.46
N ALA B 112 0.81 5.35 -23.64
CA ALA B 112 -0.46 5.37 -24.38
C ALA B 112 -1.59 4.81 -23.53
N GLY B 113 -2.74 5.45 -23.49
CA GLY B 113 -3.86 4.87 -22.72
C GLY B 113 -5.16 5.59 -23.09
N ILE B 114 -6.29 4.95 -22.78
CA ILE B 114 -7.62 5.50 -23.09
C ILE B 114 -8.56 5.31 -21.89
N THR B 115 -9.69 6.00 -21.93
CA THR B 115 -10.76 5.72 -20.97
C THR B 115 -11.98 5.46 -21.82
N ARG B 116 -12.88 4.63 -21.30
N ARG B 116 -12.85 4.60 -21.30
CA ARG B 116 -14.21 4.41 -21.85
CA ARG B 116 -14.20 4.34 -21.84
C ARG B 116 -15.11 4.18 -20.63
C ARG B 116 -15.11 4.17 -20.62
N ASP B 117 -15.58 5.28 -20.07
CA ASP B 117 -16.23 5.27 -18.74
C ASP B 117 -17.69 4.90 -18.83
N ASN B 118 -18.13 4.17 -17.81
CA ASN B 118 -19.52 3.86 -17.60
C ASN B 118 -19.64 3.09 -16.30
N LEU B 119 -20.76 3.27 -15.60
CA LEU B 119 -21.13 2.38 -14.49
C LEU B 119 -21.10 0.94 -15.02
N LEU B 120 -20.68 -0.01 -14.19
CA LEU B 120 -20.53 -1.38 -14.65
C LEU B 120 -21.83 -1.98 -15.24
N VAL B 121 -22.97 -1.70 -14.63
CA VAL B 121 -24.24 -2.19 -15.16
C VAL B 121 -24.62 -1.59 -16.54
N ARG B 122 -24.02 -0.46 -16.91
CA ARG B 122 -24.28 0.18 -18.21
C ARG B 122 -23.13 -0.03 -19.21
N MET B 123 -22.03 -0.59 -18.74
CA MET B 123 -20.80 -0.73 -19.54
C MET B 123 -20.95 -1.77 -20.66
N LYS B 124 -20.58 -1.41 -21.89
CA LYS B 124 -20.65 -2.34 -23.03
C LYS B 124 -19.43 -3.24 -23.03
N ASP B 125 -19.55 -4.46 -23.57
CA ASP B 125 -18.36 -5.34 -23.62
C ASP B 125 -17.16 -4.66 -24.24
N ASP B 126 -17.34 -3.96 -25.36
CA ASP B 126 -16.19 -3.30 -26.01
CA ASP B 126 -16.16 -3.34 -25.98
C ASP B 126 -15.50 -2.28 -25.10
N GLU B 127 -16.29 -1.58 -24.27
CA GLU B 127 -15.73 -0.58 -23.35
C GLU B 127 -14.82 -1.24 -22.34
N TRP B 128 -15.24 -2.40 -21.80
CA TRP B 128 -14.37 -3.16 -20.88
C TRP B 128 -13.11 -3.65 -21.61
N PHE B 129 -13.29 -4.40 -22.70
CA PHE B 129 -12.15 -5.04 -23.34
CA PHE B 129 -12.18 -5.05 -23.47
C PHE B 129 -11.17 -4.07 -24.02
N ASP B 130 -11.67 -2.97 -24.61
CA ASP B 130 -10.79 -1.99 -25.24
CA ASP B 130 -10.76 -2.01 -25.23
C ASP B 130 -9.87 -1.31 -24.21
N VAL B 131 -10.38 -1.02 -23.03
CA VAL B 131 -9.55 -0.38 -22.02
C VAL B 131 -8.52 -1.36 -21.46
N VAL B 132 -8.93 -2.60 -21.21
CA VAL B 132 -7.96 -3.57 -20.69
C VAL B 132 -6.88 -3.88 -21.75
N ASN B 133 -7.34 -4.05 -22.98
CA ASN B 133 -6.45 -4.37 -24.08
C ASN B 133 -5.48 -3.25 -24.46
N THR B 134 -5.93 -1.99 -24.36
CA THR B 134 -5.08 -0.85 -24.71
C THR B 134 -4.15 -0.48 -23.56
N ASN B 135 -4.65 -0.57 -22.32
CA ASN B 135 -3.95 0.04 -21.22
C ASN B 135 -3.14 -0.97 -20.44
N LEU B 136 -3.52 -2.25 -20.48
CA LEU B 136 -2.81 -3.31 -19.73
C LEU B 136 -2.09 -4.30 -20.67
N ASN B 137 -2.80 -4.85 -21.64
CA ASN B 137 -2.17 -5.85 -22.56
C ASN B 137 -1.02 -5.24 -23.37
N SER B 138 -1.10 -3.93 -23.61
CA SER B 138 -0.02 -3.17 -24.25
C SER B 138 1.36 -3.30 -23.55
N LEU B 139 1.36 -3.39 -22.22
CA LEU B 139 2.57 -3.51 -21.44
C LEU B 139 3.32 -4.80 -21.77
N TYR B 140 2.57 -5.89 -21.91
CA TYR B 140 3.13 -7.17 -22.36
C TYR B 140 3.73 -6.99 -23.79
N ARG B 141 2.97 -6.41 -24.71
CA ARG B 141 3.42 -6.33 -26.14
C ARG B 141 4.75 -5.54 -26.24
N LEU B 142 4.79 -4.37 -25.60
CA LEU B 142 5.95 -3.48 -25.70
C LEU B 142 7.16 -4.07 -24.98
N SER B 143 6.92 -4.54 -23.77
CA SER B 143 8.04 -4.99 -22.91
C SER B 143 8.68 -6.20 -23.54
N LYS B 144 7.86 -7.07 -24.10
CA LYS B 144 8.38 -8.27 -24.72
C LYS B 144 9.28 -7.91 -25.92
N ALA B 145 8.90 -6.87 -26.65
CA ALA B 145 9.61 -6.52 -27.86
C ALA B 145 10.99 -5.90 -27.57
N VAL B 146 11.11 -5.23 -26.41
CA VAL B 146 12.31 -4.45 -26.07
C VAL B 146 13.29 -5.11 -25.10
N LEU B 147 12.86 -6.16 -24.39
CA LEU B 147 13.69 -6.72 -23.30
C LEU B 147 15.02 -7.35 -23.70
N ARG B 148 15.02 -8.09 -24.80
CA ARG B 148 16.26 -8.70 -25.28
C ARG B 148 17.38 -7.66 -25.47
N GLY B 149 17.08 -6.52 -26.08
CA GLY B 149 18.09 -5.48 -26.24
C GLY B 149 18.61 -4.92 -24.92
N MET B 150 17.70 -4.73 -23.96
CA MET B 150 18.11 -4.18 -22.67
C MET B 150 18.96 -5.20 -21.93
N THR B 151 18.57 -6.47 -21.99
CA THR B 151 19.31 -7.49 -21.22
C THR B 151 20.71 -7.69 -21.77
N LYS B 152 20.82 -7.57 -23.09
CA LYS B 152 22.13 -7.63 -23.74
C LYS B 152 23.00 -6.42 -23.41
N ALA B 153 22.40 -5.23 -23.34
CA ALA B 153 23.10 -4.01 -22.93
C ALA B 153 23.44 -3.97 -21.42
N ARG B 154 22.78 -4.82 -20.63
CA ARG B 154 22.85 -4.77 -19.14
C ARG B 154 22.48 -3.38 -18.62
N TRP B 155 21.49 -2.76 -19.25
CA TRP B 155 20.99 -1.48 -18.79
C TRP B 155 19.64 -1.26 -19.43
N GLY B 156 18.71 -0.71 -18.68
CA GLY B 156 17.39 -0.35 -19.25
C GLY B 156 16.53 0.43 -18.28
N ARG B 157 15.51 1.07 -18.83
CA ARG B 157 14.49 1.76 -18.06
C ARG B 157 13.17 1.48 -18.72
N ILE B 158 12.22 0.89 -17.99
CA ILE B 158 10.84 0.78 -18.43
C ILE B 158 10.02 1.59 -17.44
N ILE B 159 9.24 2.53 -17.94
CA ILE B 159 8.47 3.42 -17.06
C ILE B 159 7.02 3.40 -17.55
N ASN B 160 6.10 3.00 -16.67
CA ASN B 160 4.74 2.74 -17.12
C ASN B 160 3.86 3.81 -16.53
N ILE B 161 2.99 4.43 -17.33
CA ILE B 161 2.19 5.53 -16.80
C ILE B 161 0.84 4.96 -16.32
N GLY B 162 0.63 5.00 -15.01
CA GLY B 162 -0.53 4.44 -14.32
C GLY B 162 -1.54 5.56 -14.07
N SER B 163 -2.21 5.52 -12.93
CA SER B 163 -3.20 6.56 -12.60
C SER B 163 -3.49 6.38 -11.13
N VAL B 164 -3.80 7.49 -10.48
CA VAL B 164 -4.30 7.48 -9.10
C VAL B 164 -5.55 6.56 -9.01
N VAL B 165 -6.32 6.46 -10.10
CA VAL B 165 -7.55 5.64 -10.10
C VAL B 165 -7.21 4.15 -9.81
N GLY B 166 -6.00 3.73 -10.19
CA GLY B 166 -5.55 2.36 -9.86
C GLY B 166 -5.59 2.07 -8.35
N ALA B 167 -5.01 2.98 -7.55
CA ALA B 167 -4.93 2.80 -6.07
C ALA B 167 -6.22 3.15 -5.37
N MET B 168 -6.91 4.12 -5.91
CA MET B 168 -8.01 4.75 -5.22
C MET B 168 -9.36 4.13 -5.60
N GLY B 169 -9.47 3.70 -6.86
CA GLY B 169 -10.76 3.33 -7.49
C GLY B 169 -11.52 4.56 -7.86
N ASN B 170 -12.52 4.44 -8.75
CA ASN B 170 -13.40 5.57 -9.07
C ASN B 170 -14.68 5.00 -9.69
N ALA B 171 -15.83 5.45 -9.22
CA ALA B 171 -17.11 4.99 -9.81
C ALA B 171 -17.12 5.31 -11.30
N GLY B 172 -17.66 4.41 -12.11
CA GLY B 172 -17.75 4.65 -13.54
C GLY B 172 -16.45 4.29 -14.26
N GLN B 173 -15.43 3.82 -13.53
CA GLN B 173 -14.14 3.45 -14.13
C GLN B 173 -13.59 2.09 -13.68
N THR B 174 -14.46 1.10 -13.52
CA THR B 174 -13.95 -0.21 -13.10
C THR B 174 -12.97 -0.78 -14.10
N ASN B 175 -13.21 -0.51 -15.39
CA ASN B 175 -12.28 -0.99 -16.47
C ASN B 175 -10.92 -0.30 -16.38
N TYR B 176 -10.96 1.01 -16.21
CA TYR B 176 -9.74 1.79 -16.13
C TYR B 176 -8.97 1.52 -14.84
N ALA B 177 -9.69 1.41 -13.72
CA ALA B 177 -9.05 1.07 -12.43
C ALA B 177 -8.41 -0.33 -12.49
N ALA B 178 -9.10 -1.29 -13.11
CA ALA B 178 -8.56 -2.65 -13.28
C ALA B 178 -7.24 -2.63 -14.08
N ALA B 179 -7.27 -1.94 -15.23
CA ALA B 179 -6.10 -1.87 -16.10
C ALA B 179 -4.97 -1.12 -15.42
N LYS B 180 -5.32 -0.01 -14.76
CA LYS B 180 -4.23 0.79 -14.16
C LYS B 180 -3.64 0.15 -12.92
N ALA B 181 -4.45 -0.51 -12.10
CA ALA B 181 -3.90 -1.29 -10.98
C ALA B 181 -3.09 -2.49 -11.49
N GLY B 182 -3.58 -3.12 -12.56
CA GLY B 182 -2.86 -4.26 -13.18
C GLY B 182 -1.49 -3.81 -13.70
N LEU B 183 -1.43 -2.56 -14.18
CA LEU B 183 -0.15 -1.98 -14.64
C LEU B 183 0.92 -1.95 -13.53
N GLU B 184 0.50 -1.65 -12.30
CA GLU B 184 1.40 -1.62 -11.16
C GLU B 184 1.84 -3.02 -10.76
N GLY B 185 0.95 -3.99 -10.81
CA GLY B 185 1.31 -5.40 -10.56
C GLY B 185 2.34 -5.91 -11.55
N PHE B 186 2.09 -5.63 -12.84
CA PHE B 186 3.02 -5.90 -13.91
C PHE B 186 4.39 -5.29 -13.63
N THR B 187 4.39 -4.01 -13.26
CA THR B 187 5.61 -3.28 -12.94
C THR B 187 6.42 -3.99 -11.88
N ARG B 188 5.77 -4.36 -10.77
CA ARG B 188 6.46 -5.00 -9.65
C ARG B 188 7.05 -6.35 -10.06
N ALA B 189 6.26 -7.18 -10.76
CA ALA B 189 6.76 -8.52 -11.11
C ALA B 189 7.92 -8.45 -12.14
N LEU B 190 7.83 -7.56 -13.12
CA LEU B 190 8.89 -7.49 -14.13
C LEU B 190 10.15 -6.93 -13.50
N ALA B 191 10.02 -5.95 -12.61
CA ALA B 191 11.19 -5.43 -11.87
C ALA B 191 11.96 -6.58 -11.20
N ARG B 192 11.24 -7.55 -10.66
CA ARG B 192 11.88 -8.73 -10.05
C ARG B 192 12.59 -9.60 -11.08
N GLU B 193 12.08 -9.68 -12.30
CA GLU B 193 12.72 -10.60 -13.31
C GLU B 193 13.99 -10.03 -13.89
N VAL B 194 14.07 -8.71 -14.02
CA VAL B 194 15.10 -8.09 -14.86
C VAL B 194 16.11 -7.28 -14.04
N GLY B 195 15.88 -7.22 -12.71
CA GLY B 195 16.78 -6.48 -11.81
C GLY B 195 18.24 -6.89 -11.88
N SER B 196 18.49 -8.18 -12.06
CA SER B 196 19.87 -8.67 -12.11
C SER B 196 20.63 -8.19 -13.37
N ARG B 197 19.91 -7.66 -14.34
CA ARG B 197 20.54 -7.10 -15.54
C ARG B 197 20.55 -5.56 -15.54
N ALA B 198 20.37 -4.99 -14.34
CA ALA B 198 20.43 -3.53 -14.17
C ALA B 198 19.38 -2.82 -15.04
N ILE B 199 18.22 -3.47 -15.23
CA ILE B 199 17.06 -2.82 -15.84
C ILE B 199 16.12 -2.48 -14.71
N THR B 200 15.63 -1.24 -14.66
CA THR B 200 14.64 -0.93 -13.65
C THR B 200 13.27 -0.79 -14.30
N VAL B 201 12.22 -1.12 -13.55
CA VAL B 201 10.87 -1.02 -14.08
C VAL B 201 10.05 -0.26 -13.03
N ASN B 202 9.44 0.86 -13.38
CA ASN B 202 8.72 1.70 -12.41
C ASN B 202 7.44 2.21 -13.03
N ALA B 203 6.53 2.62 -12.17
CA ALA B 203 5.30 3.28 -12.62
C ALA B 203 5.26 4.69 -12.08
N VAL B 204 4.60 5.57 -12.83
CA VAL B 204 4.31 6.92 -12.38
C VAL B 204 2.79 7.01 -12.47
N ALA B 205 2.15 7.38 -11.36
CA ALA B 205 0.68 7.41 -11.28
C ALA B 205 0.20 8.87 -11.12
N PRO B 206 -0.13 9.55 -12.24
CA PRO B 206 -0.59 10.94 -12.16
C PRO B 206 -1.97 10.98 -11.53
N GLY B 207 -2.29 12.13 -10.92
CA GLY B 207 -3.60 12.43 -10.38
C GLY B 207 -4.43 13.06 -11.48
N PHE B 208 -4.82 14.30 -11.33
CA PHE B 208 -5.56 14.93 -12.38
C PHE B 208 -4.76 16.03 -13.05
N ILE B 209 -4.50 15.83 -14.35
CA ILE B 209 -3.54 16.62 -15.11
C ILE B 209 -4.27 17.31 -16.25
N ASP B 210 -3.93 18.57 -16.53
CA ASP B 210 -4.58 19.32 -17.59
C ASP B 210 -4.17 18.76 -18.98
N THR B 211 -5.00 17.89 -19.56
CA THR B 211 -4.76 17.33 -20.90
C THR B 211 -6.12 17.24 -21.61
N ASP B 212 -6.13 16.70 -22.85
CA ASP B 212 -7.39 16.42 -23.55
C ASP B 212 -8.28 15.46 -22.73
N MET B 213 -7.65 14.51 -22.04
CA MET B 213 -8.41 13.47 -21.31
C MET B 213 -9.25 14.09 -20.19
N THR B 214 -8.67 15.06 -19.50
CA THR B 214 -9.36 15.75 -18.43
C THR B 214 -10.25 16.87 -18.93
N ARG B 215 -9.88 17.55 -20.02
CA ARG B 215 -10.74 18.60 -20.56
C ARG B 215 -12.10 18.05 -21.02
N GLU B 216 -12.15 16.74 -21.21
CA GLU B 216 -13.38 16.01 -21.53
C GLU B 216 -14.45 16.04 -20.42
N LEU B 217 -14.01 15.87 -19.17
CA LEU B 217 -14.94 15.84 -18.00
C LEU B 217 -15.81 17.11 -17.91
N PRO B 218 -17.08 16.96 -17.46
CA PRO B 218 -18.00 18.12 -17.29
C PRO B 218 -17.46 19.12 -16.28
N GLU B 219 -17.81 20.40 -16.47
CA GLU B 219 -17.28 21.52 -15.69
C GLU B 219 -17.38 21.36 -14.17
N ALA B 220 -18.59 21.21 -13.64
CA ALA B 220 -18.80 21.10 -12.18
C ALA B 220 -18.07 19.89 -11.56
N GLN B 221 -17.78 18.87 -12.36
CA GLN B 221 -17.01 17.74 -11.89
C GLN B 221 -15.53 18.10 -11.70
N ARG B 222 -15.03 19.02 -12.53
CA ARG B 222 -13.65 19.49 -12.45
C ARG B 222 -13.47 20.44 -11.26
N GLU B 223 -14.48 21.29 -11.01
CA GLU B 223 -14.51 22.13 -9.81
C GLU B 223 -14.55 21.27 -8.54
N ALA B 224 -15.25 20.13 -8.62
CA ALA B 224 -15.35 19.17 -7.54
C ALA B 224 -14.01 18.51 -7.25
N LEU B 225 -13.29 18.11 -8.31
CA LEU B 225 -11.99 17.48 -8.15
C LEU B 225 -11.01 18.38 -7.39
N LEU B 226 -11.05 19.69 -7.65
CA LEU B 226 -10.11 20.59 -7.01
C LEU B 226 -10.25 20.60 -5.50
N GLY B 227 -11.49 20.34 -5.03
CA GLY B 227 -11.77 20.33 -3.60
C GLY B 227 -11.16 19.12 -2.93
N GLN B 228 -10.81 18.12 -3.71
CA GLN B 228 -10.18 16.90 -3.22
C GLN B 228 -8.63 16.96 -3.26
N ILE B 229 -8.09 18.05 -3.79
CA ILE B 229 -6.61 18.16 -4.03
C ILE B 229 -6.00 19.17 -3.07
N PRO B 230 -5.15 18.72 -2.14
CA PRO B 230 -4.48 19.64 -1.20
C PRO B 230 -3.73 20.82 -1.84
N LEU B 231 -3.08 20.60 -2.97
CA LEU B 231 -2.38 21.69 -3.69
C LEU B 231 -3.35 22.65 -4.36
N GLY B 232 -4.61 22.23 -4.49
CA GLY B 232 -5.67 23.18 -4.90
C GLY B 232 -5.62 23.56 -6.39
N ARG B 233 -5.00 22.70 -7.19
CA ARG B 233 -4.84 22.89 -8.65
C ARG B 233 -4.68 21.57 -9.36
N LEU B 234 -5.02 21.55 -10.66
CA LEU B 234 -4.60 20.40 -11.49
C LEU B 234 -3.09 20.46 -11.76
N GLY B 235 -2.54 19.32 -12.11
CA GLY B 235 -1.15 19.22 -12.46
C GLY B 235 -0.96 19.55 -13.93
N GLN B 236 0.29 19.85 -14.30
CA GLN B 236 0.66 20.12 -15.67
C GLN B 236 1.34 18.92 -16.24
N ALA B 237 1.20 18.68 -17.56
CA ALA B 237 1.86 17.54 -18.20
C ALA B 237 3.37 17.59 -17.93
N GLU B 238 3.94 18.78 -17.92
CA GLU B 238 5.39 18.92 -17.71
C GLU B 238 5.83 18.36 -16.34
N GLU B 239 4.96 18.46 -15.35
CA GLU B 239 5.26 17.92 -14.02
C GLU B 239 5.37 16.39 -14.03
N ILE B 240 4.56 15.69 -14.80
CA ILE B 240 4.70 14.25 -14.97
C ILE B 240 6.00 13.97 -15.71
N ALA B 241 6.26 14.75 -16.76
CA ALA B 241 7.43 14.50 -17.58
C ALA B 241 8.72 14.62 -16.75
N LYS B 242 8.78 15.57 -15.82
CA LYS B 242 9.98 15.74 -14.98
C LYS B 242 10.27 14.50 -14.15
N VAL B 243 9.19 13.93 -13.61
CA VAL B 243 9.32 12.74 -12.79
C VAL B 243 9.82 11.56 -13.66
N VAL B 244 9.21 11.38 -14.83
CA VAL B 244 9.65 10.31 -15.74
C VAL B 244 11.12 10.54 -16.13
N GLY B 245 11.48 11.78 -16.47
CA GLY B 245 12.89 12.12 -16.84
C GLY B 245 13.86 11.72 -15.72
N PHE B 246 13.47 12.03 -14.48
CA PHE B 246 14.32 11.59 -13.37
C PHE B 246 14.48 10.06 -13.28
N LEU B 247 13.38 9.32 -13.37
CA LEU B 247 13.47 7.85 -13.29
C LEU B 247 14.30 7.23 -14.40
N ALA B 248 14.28 7.87 -15.56
CA ALA B 248 15.10 7.39 -16.69
C ALA B 248 16.60 7.56 -16.46
N SER B 249 16.97 8.40 -15.52
CA SER B 249 18.35 8.79 -15.37
C SER B 249 19.14 7.77 -14.56
N ASP B 250 20.46 7.89 -14.61
CA ASP B 250 21.37 7.07 -13.80
C ASP B 250 21.15 7.25 -12.30
N GLY B 251 20.72 8.45 -11.89
CA GLY B 251 20.56 8.76 -10.46
C GLY B 251 19.41 7.99 -9.83
N ALA B 252 18.52 7.47 -10.69
CA ALA B 252 17.39 6.65 -10.25
C ALA B 252 17.67 5.14 -10.32
N ALA B 253 18.94 4.73 -10.40
CA ALA B 253 19.26 3.31 -10.60
C ALA B 253 18.82 2.37 -9.49
N TYR B 254 18.65 2.88 -8.25
CA TYR B 254 18.23 1.99 -7.16
C TYR B 254 16.71 2.01 -6.91
N VAL B 255 15.98 2.77 -7.75
CA VAL B 255 14.52 2.78 -7.69
C VAL B 255 14.00 1.75 -8.69
N THR B 256 13.37 0.67 -8.18
CA THR B 256 12.71 -0.31 -9.07
C THR B 256 11.53 -0.97 -8.38
N GLY B 257 10.50 -1.23 -9.19
CA GLY B 257 9.23 -1.78 -8.72
C GLY B 257 8.39 -0.73 -8.01
N ALA B 258 8.80 0.53 -8.06
CA ALA B 258 8.09 1.60 -7.35
C ALA B 258 6.92 2.17 -8.16
N THR B 259 5.90 2.65 -7.46
CA THR B 259 4.90 3.51 -8.09
C THR B 259 5.06 4.90 -7.48
N VAL B 260 5.32 5.93 -8.30
CA VAL B 260 5.54 7.27 -7.77
C VAL B 260 4.24 8.04 -8.03
N PRO B 261 3.52 8.44 -6.98
CA PRO B 261 2.24 9.12 -7.21
C PRO B 261 2.53 10.59 -7.48
N VAL B 262 1.85 11.19 -8.47
CA VAL B 262 2.07 12.62 -8.79
C VAL B 262 0.69 13.20 -8.91
N ASN B 263 0.08 13.46 -7.75
CA ASN B 263 -1.34 13.72 -7.70
C ASN B 263 -1.72 14.91 -6.83
N GLY B 264 -0.71 15.68 -6.42
CA GLY B 264 -0.98 16.91 -5.65
C GLY B 264 -1.61 16.63 -4.30
N GLY B 265 -1.46 15.40 -3.80
CA GLY B 265 -2.05 15.02 -2.49
C GLY B 265 -3.47 14.47 -2.55
N MET B 266 -4.06 14.39 -3.74
CA MET B 266 -5.42 13.77 -3.87
C MET B 266 -5.49 12.41 -3.20
N TYR B 267 -4.44 11.63 -3.32
CA TYR B 267 -4.38 10.30 -2.72
CA TYR B 267 -4.39 10.33 -2.66
C TYR B 267 -2.99 10.05 -2.16
N MET B 268 -2.93 9.56 -0.93
CA MET B 268 -1.68 9.36 -0.26
C MET B 268 -1.67 7.92 0.23
N SER B 269 -0.67 7.18 -0.18
CA SER B 269 -0.49 5.88 0.42
C SER B 269 0.96 5.65 0.80
C ASN C 17 34.60 34.33 -14.13
N LEU C 18 34.41 33.12 -13.61
CA LEU C 18 33.73 32.04 -14.35
C LEU C 18 32.29 31.80 -13.85
N TYR C 19 31.33 32.39 -14.57
CA TYR C 19 29.91 32.40 -14.19
C TYR C 19 29.16 31.16 -14.69
N PHE C 20 28.94 30.20 -13.80
CA PHE C 20 28.20 29.00 -14.16
C PHE C 20 26.71 29.28 -14.28
N GLN C 21 25.98 28.35 -14.86
CA GLN C 21 24.55 28.45 -14.96
C GLN C 21 23.91 28.16 -13.61
N SER C 22 22.80 28.85 -13.33
CA SER C 22 22.05 28.59 -12.12
C SER C 22 21.38 27.22 -12.21
N MET C 23 21.35 26.52 -11.07
CA MET C 23 20.85 25.16 -11.01
C MET C 23 19.50 25.17 -10.32
N SER C 24 18.89 23.99 -10.23
CA SER C 24 17.47 23.94 -9.92
C SER C 24 17.12 24.46 -8.52
N LEU C 25 18.08 24.50 -7.58
CA LEU C 25 17.81 24.98 -6.22
C LEU C 25 18.57 26.30 -5.91
N GLN C 26 18.99 27.03 -6.95
CA GLN C 26 19.83 28.23 -6.78
C GLN C 26 19.31 29.21 -5.73
N GLY C 27 20.14 29.47 -4.72
CA GLY C 27 19.84 30.47 -3.68
C GLY C 27 18.99 29.98 -2.51
N LYS C 28 18.35 28.81 -2.62
CA LYS C 28 17.45 28.34 -1.55
C LYS C 28 18.31 27.87 -0.36
N VAL C 29 17.90 28.23 0.85
CA VAL C 29 18.56 27.75 2.09
C VAL C 29 17.99 26.37 2.40
N ALA C 30 18.88 25.38 2.57
CA ALA C 30 18.47 24.01 2.81
C ALA C 30 19.14 23.54 4.11
N LEU C 31 18.35 22.88 4.95
CA LEU C 31 18.85 22.27 6.18
C LEU C 31 18.80 20.74 6.05
N VAL C 32 19.94 20.09 6.28
CA VAL C 32 20.04 18.64 6.24
C VAL C 32 20.53 18.15 7.61
N THR C 33 19.65 17.43 8.32
CA THR C 33 20.04 16.92 9.63
C THR C 33 20.87 15.66 9.49
N GLY C 34 21.96 15.57 10.25
CA GLY C 34 22.88 14.40 10.13
C GLY C 34 23.62 14.33 8.79
N ALA C 35 24.43 15.36 8.50
CA ALA C 35 25.09 15.51 7.20
C ALA C 35 26.60 15.19 7.35
N SER C 36 26.97 14.66 8.52
CA SER C 36 28.37 14.37 8.83
C SER C 36 28.86 13.12 8.10
N ARG C 37 27.94 12.25 7.67
CA ARG C 37 28.38 10.99 7.04
C ARG C 37 27.19 10.34 6.35
N GLY C 38 27.44 9.29 5.56
CA GLY C 38 26.32 8.47 5.05
C GLY C 38 25.33 9.21 4.15
N ILE C 39 24.06 8.86 4.28
CA ILE C 39 23.04 9.39 3.39
C ILE C 39 22.94 10.94 3.52
N GLY C 40 23.01 11.44 4.76
CA GLY C 40 22.89 12.89 4.99
C GLY C 40 24.01 13.69 4.34
N GLN C 41 25.23 13.17 4.41
CA GLN C 41 26.35 13.80 3.76
C GLN C 41 26.12 13.88 2.24
N ALA C 42 25.72 12.75 1.64
CA ALA C 42 25.45 12.72 0.19
C ALA C 42 24.33 13.69 -0.18
N ILE C 43 23.27 13.73 0.63
CA ILE C 43 22.17 14.71 0.42
C ILE C 43 22.70 16.15 0.44
N ALA C 44 23.52 16.48 1.45
CA ALA C 44 24.08 17.83 1.58
C ALA C 44 24.87 18.20 0.33
N LEU C 45 25.71 17.28 -0.15
CA LEU C 45 26.53 17.54 -1.30
C LEU C 45 25.69 17.65 -2.57
N GLU C 46 24.65 16.85 -2.69
CA GLU C 46 23.78 16.94 -3.86
C GLU C 46 23.00 18.27 -3.86
N LEU C 47 22.42 18.64 -2.72
CA LEU C 47 21.69 19.92 -2.67
C LEU C 47 22.65 21.08 -3.01
N GLY C 48 23.87 21.00 -2.50
CA GLY C 48 24.91 22.00 -2.82
C GLY C 48 25.26 22.04 -4.32
N ARG C 49 25.38 20.87 -4.95
CA ARG C 49 25.58 20.79 -6.41
C ARG C 49 24.46 21.48 -7.21
N LEU C 50 23.24 21.41 -6.67
CA LEU C 50 22.06 22.01 -7.31
C LEU C 50 21.90 23.50 -6.95
N GLY C 51 22.89 24.08 -6.27
CA GLY C 51 22.96 25.53 -6.01
C GLY C 51 22.36 26.00 -4.68
N ALA C 52 21.95 25.09 -3.81
CA ALA C 52 21.43 25.49 -2.49
C ALA C 52 22.56 26.01 -1.59
N VAL C 53 22.20 26.89 -0.66
CA VAL C 53 23.05 27.20 0.47
C VAL C 53 22.74 26.12 1.51
N VAL C 54 23.73 25.31 1.88
CA VAL C 54 23.43 24.10 2.63
C VAL C 54 23.95 24.17 4.07
N ILE C 55 23.04 23.97 5.01
CA ILE C 55 23.44 23.82 6.40
C ILE C 55 23.32 22.35 6.74
N GLY C 56 24.44 21.75 7.08
CA GLY C 56 24.40 20.35 7.51
C GLY C 56 24.71 20.28 8.97
N THR C 57 24.17 19.26 9.64
CA THR C 57 24.41 19.15 11.07
C THR C 57 25.05 17.85 11.51
N ALA C 58 25.70 17.92 12.66
CA ALA C 58 26.23 16.76 13.35
C ALA C 58 25.89 16.87 14.85
N THR C 59 26.05 15.77 15.58
CA THR C 59 25.75 15.78 17.03
C THR C 59 26.91 16.34 17.85
N SER C 60 28.06 16.60 17.23
CA SER C 60 29.21 17.18 17.98
C SER C 60 29.86 18.33 17.21
N ALA C 61 30.55 19.18 17.94
CA ALA C 61 31.32 20.27 17.35
C ALA C 61 32.36 19.76 16.33
N SER C 62 33.06 18.65 16.62
CA SER C 62 34.04 18.14 15.66
C SER C 62 33.36 17.74 14.30
N GLY C 63 32.18 17.17 14.38
CA GLY C 63 31.39 16.78 13.22
C GLY C 63 30.92 18.00 12.44
N ALA C 64 30.51 19.03 13.17
CA ALA C 64 30.09 20.29 12.54
C ALA C 64 31.28 20.92 11.78
N GLU C 65 32.48 20.88 12.37
CA GLU C 65 33.65 21.42 11.69
CA GLU C 65 33.66 21.42 11.70
C GLU C 65 33.98 20.61 10.44
N LYS C 66 33.89 19.28 10.53
CA LYS C 66 34.17 18.42 9.39
C LYS C 66 33.13 18.61 8.26
N ILE C 67 31.87 18.86 8.61
CA ILE C 67 30.90 19.26 7.60
C ILE C 67 31.29 20.55 6.87
N ALA C 68 31.67 21.58 7.62
CA ALA C 68 32.07 22.85 7.03
C ALA C 68 33.25 22.64 6.03
N GLU C 69 34.19 21.80 6.45
CA GLU C 69 35.35 21.46 5.61
C GLU C 69 34.96 20.71 4.33
N THR C 70 34.02 19.78 4.45
CA THR C 70 33.51 19.02 3.31
C THR C 70 32.76 19.91 2.33
N LEU C 71 31.90 20.79 2.84
CA LEU C 71 31.20 21.73 1.96
C LEU C 71 32.18 22.62 1.17
N LYS C 72 33.10 23.29 1.88
CA LYS C 72 34.17 24.06 1.25
C LYS C 72 35.01 23.25 0.24
N ALA C 73 35.44 22.03 0.58
CA ALA C 73 36.24 21.23 -0.37
C ALA C 73 35.47 20.94 -1.69
N ASN C 74 34.15 20.88 -1.60
CA ASN C 74 33.28 20.64 -2.76
C ASN C 74 32.69 21.91 -3.38
N GLY C 75 33.15 23.06 -2.90
CA GLY C 75 32.71 24.39 -3.39
C GLY C 75 31.25 24.72 -3.12
N VAL C 76 30.73 24.25 -1.99
CA VAL C 76 29.34 24.48 -1.60
C VAL C 76 29.27 25.58 -0.55
N GLU C 77 28.44 26.58 -0.76
CA GLU C 77 28.20 27.61 0.25
C GLU C 77 27.30 27.02 1.35
N GLY C 78 27.62 27.33 2.60
CA GLY C 78 26.75 26.88 3.69
C GLY C 78 27.49 26.86 5.01
N ALA C 79 27.10 25.93 5.89
CA ALA C 79 27.64 25.91 7.25
C ALA C 79 27.50 24.51 7.82
N GLY C 80 28.37 24.19 8.77
CA GLY C 80 28.18 22.98 9.59
C GLY C 80 27.85 23.41 10.99
N LEU C 81 26.78 22.86 11.57
CA LEU C 81 26.34 23.24 12.91
C LEU C 81 26.10 22.01 13.77
N VAL C 82 26.16 22.19 15.09
CA VAL C 82 25.78 21.12 16.05
C VAL C 82 24.26 21.05 16.26
N LEU C 83 23.69 19.85 16.15
CA LEU C 83 22.24 19.73 16.38
C LEU C 83 21.97 18.32 16.91
N ASP C 84 21.16 18.26 17.98
CA ASP C 84 20.67 16.99 18.51
C ASP C 84 19.15 17.04 18.37
N VAL C 85 18.65 16.29 17.40
CA VAL C 85 17.21 16.37 17.07
C VAL C 85 16.35 15.72 18.16
N SER C 86 17.00 15.04 19.11
CA SER C 86 16.25 14.44 20.23
C SER C 86 16.01 15.44 21.36
N SER C 87 16.57 16.64 21.22
CA SER C 87 16.56 17.68 22.28
C SER C 87 15.81 18.96 21.86
N ASP C 88 14.79 19.33 22.65
CA ASP C 88 13.98 20.52 22.37
C ASP C 88 14.90 21.75 22.39
N GLU C 89 15.76 21.84 23.40
CA GLU C 89 16.68 22.98 23.60
C GLU C 89 17.69 23.13 22.43
N SER C 90 18.23 22.00 21.99
CA SER C 90 19.17 22.01 20.88
C SER C 90 18.54 22.45 19.55
N VAL C 91 17.35 21.93 19.20
CA VAL C 91 16.64 22.33 17.99
C VAL C 91 16.38 23.85 18.03
N ALA C 92 15.86 24.33 19.15
CA ALA C 92 15.54 25.78 19.28
C ALA C 92 16.79 26.65 19.09
N ALA C 93 17.88 26.32 19.81
CA ALA C 93 19.13 27.09 19.69
C ALA C 93 19.72 27.09 18.27
N THR C 94 19.80 25.91 17.64
CA THR C 94 20.35 25.78 16.29
C THR C 94 19.51 26.48 15.23
N LEU C 95 18.19 26.33 15.32
CA LEU C 95 17.32 26.96 14.32
C LEU C 95 17.37 28.52 14.46
N GLU C 96 17.42 29.02 15.69
CA GLU C 96 17.62 30.47 15.95
C GLU C 96 18.90 30.96 15.29
N HIS C 97 20.00 30.23 15.50
CA HIS C 97 21.26 30.56 14.87
C HIS C 97 21.16 30.58 13.33
N ILE C 98 20.51 29.57 12.76
CA ILE C 98 20.36 29.50 11.31
C ILE C 98 19.58 30.72 10.82
N GLN C 99 18.47 31.02 11.47
CA GLN C 99 17.58 32.12 11.05
C GLN C 99 18.33 33.45 11.11
N GLN C 100 19.20 33.60 12.11
CA GLN C 100 19.97 34.84 12.29
C GLN C 100 21.12 35.00 11.31
N HIS C 101 21.84 33.92 11.03
CA HIS C 101 23.09 34.01 10.26
C HIS C 101 23.05 33.58 8.79
N LEU C 102 22.08 32.76 8.39
CA LEU C 102 21.95 32.37 6.97
C LEU C 102 20.55 32.61 6.40
N GLY C 103 19.52 32.56 7.24
CA GLY C 103 18.17 32.85 6.79
C GLY C 103 17.23 31.68 7.02
N GLN C 104 15.98 31.83 6.65
CA GLN C 104 15.02 30.76 6.94
C GLN C 104 15.10 29.62 5.91
N PRO C 105 15.32 28.37 6.39
CA PRO C 105 15.42 27.25 5.46
C PRO C 105 14.11 27.03 4.72
N LEU C 106 14.16 26.94 3.39
CA LEU C 106 12.96 26.60 2.62
C LEU C 106 12.99 25.13 2.15
N ILE C 107 14.13 24.46 2.35
CA ILE C 107 14.23 23.02 2.08
C ILE C 107 14.73 22.41 3.36
N VAL C 108 13.97 21.49 3.92
CA VAL C 108 14.42 20.80 5.17
C VAL C 108 14.39 19.29 4.98
N VAL C 109 15.54 18.63 5.15
CA VAL C 109 15.60 17.19 5.02
C VAL C 109 15.84 16.60 6.40
N ASN C 110 14.81 15.92 6.92
CA ASN C 110 14.86 15.21 8.19
C ASN C 110 15.51 13.84 8.00
N ASN C 111 16.83 13.83 8.08
CA ASN C 111 17.62 12.64 7.78
C ASN C 111 18.16 11.98 9.03
N ALA C 112 18.41 12.77 10.10
CA ALA C 112 18.99 12.19 11.34
C ALA C 112 18.16 10.98 11.84
N GLY C 113 18.82 9.89 12.23
CA GLY C 113 18.12 8.70 12.73
C GLY C 113 19.12 7.69 13.30
N ILE C 114 18.62 6.81 14.17
CA ILE C 114 19.43 5.80 14.85
C ILE C 114 18.67 4.47 14.86
N THR C 115 19.38 3.37 15.16
CA THR C 115 18.72 2.10 15.44
C THR C 115 19.22 1.67 16.82
N ARG C 116 18.34 1.02 17.59
CA ARG C 116 18.75 0.35 18.83
CA ARG C 116 18.76 0.32 18.80
C ARG C 116 18.02 -1.00 18.79
N ASP C 117 18.61 -1.99 18.09
CA ASP C 117 17.91 -3.22 17.80
C ASP C 117 17.87 -4.19 18.98
N ASN C 118 16.74 -4.91 19.08
CA ASN C 118 16.54 -5.99 20.05
C ASN C 118 15.17 -6.58 19.81
N LEU C 119 15.03 -7.86 20.04
CA LEU C 119 13.71 -8.51 20.10
C LEU C 119 12.93 -7.81 21.21
N LEU C 120 11.63 -7.59 20.99
CA LEU C 120 10.85 -6.85 21.97
C LEU C 120 10.99 -7.40 23.39
N VAL C 121 11.01 -8.72 23.56
CA VAL C 121 11.10 -9.30 24.90
C VAL C 121 12.46 -9.02 25.58
N ARG C 122 13.47 -8.65 24.81
CA ARG C 122 14.80 -8.35 25.36
C ARG C 122 15.06 -6.83 25.39
N MET C 123 14.16 -6.07 24.79
CA MET C 123 14.39 -4.64 24.58
C MET C 123 14.38 -3.90 25.92
N LYS C 124 15.32 -2.97 26.08
CA LYS C 124 15.36 -2.10 27.26
C LYS C 124 14.53 -0.83 26.99
N ASP C 125 13.98 -0.24 28.06
CA ASP C 125 13.16 0.97 27.91
C ASP C 125 13.86 2.02 27.09
N ASP C 126 15.15 2.30 27.40
CA ASP C 126 15.89 3.34 26.67
CA ASP C 126 15.90 3.33 26.67
C ASP C 126 16.01 3.05 25.16
N GLU C 127 16.13 1.77 24.80
CA GLU C 127 16.20 1.40 23.38
C GLU C 127 14.90 1.76 22.66
N TRP C 128 13.75 1.53 23.29
CA TRP C 128 12.46 1.89 22.69
C TRP C 128 12.36 3.41 22.58
N PHE C 129 12.51 4.07 23.73
CA PHE C 129 12.21 5.50 23.80
C PHE C 129 13.18 6.38 23.01
N ASP C 130 14.46 6.02 22.99
CA ASP C 130 15.47 6.80 22.27
CA ASP C 130 15.46 6.80 22.26
C ASP C 130 15.21 6.76 20.76
N VAL C 131 14.82 5.59 20.26
CA VAL C 131 14.51 5.46 18.82
C VAL C 131 13.24 6.28 18.47
N VAL C 132 12.19 6.17 19.26
CA VAL C 132 10.98 6.94 18.95
C VAL C 132 11.32 8.46 19.06
N ASN C 133 12.05 8.82 20.10
CA ASN C 133 12.36 10.23 20.36
C ASN C 133 13.28 10.86 19.30
N THR C 134 14.23 10.07 18.77
CA THR C 134 15.20 10.58 17.80
C THR C 134 14.62 10.57 16.38
N ASN C 135 13.87 9.50 16.06
CA ASN C 135 13.47 9.22 14.69
C ASN C 135 12.09 9.75 14.37
N LEU C 136 11.25 9.87 15.41
CA LEU C 136 9.87 10.32 15.17
C LEU C 136 9.56 11.69 15.79
N ASN C 137 9.85 11.87 17.08
CA ASN C 137 9.55 13.17 17.74
C ASN C 137 10.34 14.33 17.11
N SER C 138 11.52 14.01 16.57
CA SER C 138 12.36 15.01 15.84
C SER C 138 11.60 15.69 14.69
N LEU C 139 10.64 14.96 14.09
CA LEU C 139 9.90 15.51 12.97
C LEU C 139 8.99 16.65 13.43
N TYR C 140 8.45 16.51 14.62
CA TYR C 140 7.67 17.59 15.23
C TYR C 140 8.60 18.77 15.55
N ARG C 141 9.71 18.50 16.27
CA ARG C 141 10.66 19.56 16.63
C ARG C 141 11.11 20.40 15.39
N LEU C 142 11.57 19.73 14.33
CA LEU C 142 12.15 20.42 13.16
C LEU C 142 11.05 21.12 12.36
N SER C 143 9.95 20.41 12.10
CA SER C 143 8.89 20.97 11.24
C SER C 143 8.21 22.17 11.86
N LYS C 144 7.97 22.09 13.16
CA LYS C 144 7.39 23.21 13.85
C LYS C 144 8.28 24.44 13.71
N ALA C 145 9.61 24.27 13.79
CA ALA C 145 10.52 25.42 13.76
C ALA C 145 10.64 26.10 12.37
N VAL C 146 10.33 25.38 11.29
CA VAL C 146 10.59 25.89 9.94
C VAL C 146 9.31 26.23 9.19
N LEU C 147 8.16 25.78 9.67
CA LEU C 147 6.97 25.89 8.85
C LEU C 147 6.48 27.31 8.64
N ARG C 148 6.64 28.18 9.66
CA ARG C 148 6.11 29.53 9.50
C ARG C 148 6.85 30.31 8.40
N GLY C 149 8.16 30.06 8.26
CA GLY C 149 8.93 30.69 7.18
C GLY C 149 8.51 30.24 5.79
N MET C 150 8.29 28.93 5.63
CA MET C 150 7.79 28.37 4.36
C MET C 150 6.40 28.93 4.04
N THR C 151 5.53 29.02 5.04
CA THR C 151 4.17 29.52 4.75
C THR C 151 4.19 30.98 4.30
N LYS C 152 5.05 31.79 4.94
CA LYS C 152 5.21 33.19 4.53
C LYS C 152 5.81 33.32 3.11
N ALA C 153 6.78 32.48 2.75
CA ALA C 153 7.36 32.47 1.40
C ALA C 153 6.43 31.86 0.33
N ARG C 154 5.40 31.15 0.77
CA ARG C 154 4.50 30.40 -0.12
C ARG C 154 5.25 29.41 -1.00
N TRP C 155 6.24 28.71 -0.41
CA TRP C 155 6.98 27.66 -1.09
C TRP C 155 7.78 26.91 -0.04
N GLY C 156 7.84 25.59 -0.11
CA GLY C 156 8.76 24.88 0.78
C GLY C 156 8.80 23.43 0.39
N ARG C 157 9.83 22.75 0.91
CA ARG C 157 10.02 21.33 0.73
C ARG C 157 10.41 20.76 2.07
N ILE C 158 9.63 19.80 2.57
CA ILE C 158 10.05 19.01 3.73
C ILE C 158 10.20 17.60 3.21
N ILE C 159 11.35 16.99 3.45
CA ILE C 159 11.57 15.64 2.93
C ILE C 159 12.09 14.84 4.09
N ASN C 160 11.41 13.73 4.42
CA ASN C 160 11.67 12.99 5.63
C ASN C 160 12.26 11.66 5.23
N ILE C 161 13.41 11.31 5.79
CA ILE C 161 14.04 10.04 5.40
C ILE C 161 13.49 8.88 6.27
N GLY C 162 12.66 8.05 5.63
CA GLY C 162 12.04 6.87 6.27
C GLY C 162 12.91 5.64 6.13
N SER C 163 12.27 4.48 5.97
CA SER C 163 12.99 3.22 5.80
C SER C 163 12.03 2.22 5.24
N VAL C 164 12.52 1.31 4.41
CA VAL C 164 11.72 0.13 4.01
C VAL C 164 11.12 -0.60 5.23
N VAL C 165 11.84 -0.59 6.35
CA VAL C 165 11.37 -1.29 7.56
C VAL C 165 10.00 -0.77 8.05
N GLY C 166 9.69 0.51 7.81
CA GLY C 166 8.38 1.05 8.18
C GLY C 166 7.24 0.32 7.48
N ALA C 167 7.42 0.01 6.20
CA ALA C 167 6.34 -0.61 5.41
C ALA C 167 6.35 -2.13 5.56
N MET C 168 7.55 -2.70 5.71
CA MET C 168 7.76 -4.16 5.65
C MET C 168 7.76 -4.81 7.01
N GLY C 169 8.12 -4.05 8.04
CA GLY C 169 8.55 -4.58 9.35
C GLY C 169 9.81 -5.43 9.29
N ASN C 170 10.42 -5.67 10.44
CA ASN C 170 11.63 -6.51 10.57
C ASN C 170 11.76 -6.95 12.04
N ALA C 171 12.03 -8.25 12.28
CA ALA C 171 12.24 -8.79 13.63
C ALA C 171 13.42 -8.07 14.23
N GLY C 172 13.36 -7.77 15.53
CA GLY C 172 14.44 -7.03 16.18
C GLY C 172 14.35 -5.53 16.03
N GLN C 173 13.35 -5.04 15.29
CA GLN C 173 13.25 -3.59 15.02
C GLN C 173 11.84 -3.04 15.22
N THR C 174 11.15 -3.54 16.23
CA THR C 174 9.80 -2.98 16.48
C THR C 174 9.84 -1.48 16.77
N ASN C 175 10.86 -1.03 17.50
CA ASN C 175 11.02 0.41 17.76
C ASN C 175 11.24 1.23 16.51
N TYR C 176 12.19 0.79 15.70
CA TYR C 176 12.50 1.47 14.43
C TYR C 176 11.35 1.44 13.43
N ALA C 177 10.67 0.30 13.34
CA ALA C 177 9.53 0.16 12.41
C ALA C 177 8.41 1.07 12.86
N ALA C 178 8.14 1.14 14.16
CA ALA C 178 7.09 2.07 14.68
C ALA C 178 7.47 3.51 14.32
N ALA C 179 8.71 3.89 14.60
CA ALA C 179 9.14 5.26 14.30
C ALA C 179 9.09 5.58 12.82
N LYS C 180 9.62 4.67 11.98
CA LYS C 180 9.69 5.00 10.56
C LYS C 180 8.30 4.95 9.87
N ALA C 181 7.42 4.04 10.32
CA ALA C 181 6.06 4.06 9.78
C ALA C 181 5.34 5.33 10.29
N GLY C 182 5.61 5.72 11.54
CA GLY C 182 5.02 6.97 12.07
C GLY C 182 5.44 8.19 11.24
N LEU C 183 6.70 8.20 10.81
CA LEU C 183 7.20 9.25 9.93
C LEU C 183 6.38 9.38 8.65
N GLU C 184 5.90 8.27 8.11
CA GLU C 184 5.09 8.36 6.89
C GLU C 184 3.70 8.89 7.19
N GLY C 185 3.15 8.52 8.35
CA GLY C 185 1.80 9.06 8.72
C GLY C 185 1.93 10.57 8.95
N PHE C 186 2.98 10.97 9.63
CA PHE C 186 3.27 12.40 9.85
C PHE C 186 3.34 13.16 8.52
N THR C 187 4.09 12.59 7.60
CA THR C 187 4.29 13.17 6.26
C THR C 187 2.96 13.39 5.56
N ARG C 188 2.10 12.38 5.55
CA ARG C 188 0.81 12.52 4.87
C ARG C 188 -0.08 13.59 5.51
N ALA C 189 -0.15 13.59 6.84
CA ALA C 189 -1.00 14.57 7.52
C ALA C 189 -0.49 16.00 7.32
N LEU C 190 0.81 16.20 7.47
CA LEU C 190 1.34 17.57 7.32
C LEU C 190 1.14 18.02 5.84
N ALA C 191 1.33 17.12 4.87
CA ALA C 191 1.06 17.46 3.45
C ALA C 191 -0.33 18.05 3.26
N ARG C 192 -1.33 17.49 3.96
CA ARG C 192 -2.68 18.05 3.91
C ARG C 192 -2.80 19.44 4.54
N GLU C 193 -2.02 19.76 5.57
CA GLU C 193 -2.16 21.05 6.25
C GLU C 193 -1.56 22.17 5.42
N VAL C 194 -0.49 21.87 4.67
CA VAL C 194 0.34 22.92 4.08
C VAL C 194 0.27 23.04 2.52
N GLY C 195 -0.46 22.12 1.88
CA GLY C 195 -0.51 22.09 0.40
C GLY C 195 -1.00 23.41 -0.18
N SER C 196 -1.93 24.10 0.49
CA SER C 196 -2.48 25.30 -0.10
C SER C 196 -1.46 26.45 -0.12
N ARG C 197 -0.37 26.30 0.61
CA ARG C 197 0.73 27.29 0.57
C ARG C 197 1.88 26.86 -0.34
N ALA C 198 1.64 25.88 -1.21
CA ALA C 198 2.66 25.34 -2.12
C ALA C 198 3.91 24.80 -1.40
N ILE C 199 3.67 24.18 -0.23
CA ILE C 199 4.70 23.44 0.46
C ILE C 199 4.43 21.97 0.23
N THR C 200 5.43 21.21 -0.20
CA THR C 200 5.21 19.76 -0.34
C THR C 200 5.97 19.04 0.78
N VAL C 201 5.42 17.91 1.20
CA VAL C 201 5.98 17.12 2.30
C VAL C 201 5.99 15.66 1.82
N ASN C 202 7.18 15.07 1.75
CA ASN C 202 7.29 13.74 1.17
C ASN C 202 8.27 12.95 1.98
N ALA C 203 8.19 11.63 1.83
CA ALA C 203 9.13 10.75 2.50
C ALA C 203 9.91 10.00 1.44
N VAL C 204 11.16 9.67 1.77
CA VAL C 204 11.93 8.85 0.88
C VAL C 204 12.28 7.66 1.77
N ALA C 205 12.03 6.44 1.32
CA ALA C 205 12.25 5.27 2.16
C ALA C 205 13.34 4.39 1.55
N PRO C 206 14.60 4.55 2.00
CA PRO C 206 15.70 3.73 1.46
C PRO C 206 15.55 2.29 1.91
N GLY C 207 16.10 1.36 1.13
CA GLY C 207 16.15 -0.04 1.52
C GLY C 207 17.35 -0.34 2.38
N PHE C 208 18.39 -0.91 1.78
CA PHE C 208 19.64 -1.17 2.43
C PHE C 208 20.75 -0.54 1.64
N ILE C 209 21.35 0.50 2.25
CA ILE C 209 22.35 1.40 1.63
C ILE C 209 23.71 1.24 2.32
N ASP C 210 24.78 1.25 1.54
CA ASP C 210 26.14 1.04 2.07
C ASP C 210 26.55 2.30 2.88
N THR C 211 26.26 2.28 4.18
CA THR C 211 26.65 3.38 5.09
C THR C 211 27.17 2.75 6.38
N ASP C 212 27.54 3.59 7.36
CA ASP C 212 27.99 3.09 8.67
C ASP C 212 26.89 2.25 9.34
N MET C 213 25.64 2.66 9.13
CA MET C 213 24.51 1.99 9.77
C MET C 213 24.38 0.52 9.34
N THR C 214 24.44 0.26 8.03
CA THR C 214 24.35 -1.11 7.52
CA THR C 214 24.36 -1.15 7.57
C THR C 214 25.65 -1.90 7.74
N ARG C 215 26.77 -1.18 7.75
CA ARG C 215 28.05 -1.83 7.98
CA ARG C 215 28.06 -1.81 7.98
C ARG C 215 28.17 -2.38 9.40
N GLU C 216 27.29 -1.92 10.30
CA GLU C 216 27.22 -2.40 11.72
C GLU C 216 26.67 -3.84 11.83
N LEU C 217 25.83 -4.23 10.87
CA LEU C 217 25.22 -5.58 10.87
C LEU C 217 26.25 -6.66 10.60
N PRO C 218 26.08 -7.85 11.25
CA PRO C 218 26.94 -9.02 11.09
C PRO C 218 27.13 -9.35 9.62
N GLU C 219 28.33 -9.77 9.25
CA GLU C 219 28.67 -10.18 7.87
C GLU C 219 27.66 -11.15 7.24
N ALA C 220 27.28 -12.20 7.96
CA ALA C 220 26.37 -13.23 7.45
C ALA C 220 25.01 -12.63 7.10
N GLN C 221 24.58 -11.66 7.93
CA GLN C 221 23.35 -10.95 7.70
C GLN C 221 23.36 -10.07 6.43
N ARG C 222 24.49 -9.41 6.15
CA ARG C 222 24.61 -8.57 4.95
CA ARG C 222 24.61 -8.57 4.94
C ARG C 222 24.59 -9.44 3.67
N GLU C 223 25.26 -10.59 3.72
CA GLU C 223 25.23 -11.49 2.57
C GLU C 223 23.83 -12.08 2.27
N ALA C 224 23.08 -12.42 3.32
CA ALA C 224 21.69 -12.88 3.19
C ALA C 224 20.80 -11.77 2.66
N LEU C 225 21.23 -10.54 2.92
CA LEU C 225 20.54 -9.37 2.47
C LEU C 225 20.54 -9.26 0.96
N LEU C 226 21.69 -9.47 0.33
CA LEU C 226 21.82 -9.38 -1.12
C LEU C 226 20.88 -10.33 -1.88
N GLY C 227 20.65 -11.52 -1.31
CA GLY C 227 19.74 -12.51 -1.90
C GLY C 227 18.28 -12.05 -1.92
N GLN C 228 17.95 -11.04 -1.13
CA GLN C 228 16.57 -10.53 -1.10
C GLN C 228 16.35 -9.34 -2.05
N ILE C 229 17.43 -8.85 -2.67
CA ILE C 229 17.38 -7.58 -3.43
C ILE C 229 17.51 -7.92 -4.91
N PRO C 230 16.45 -7.68 -5.73
CA PRO C 230 16.48 -7.99 -7.16
C PRO C 230 17.71 -7.40 -7.91
N LEU C 231 18.13 -6.19 -7.55
CA LEU C 231 19.33 -5.58 -8.14
C LEU C 231 20.65 -6.23 -7.67
N GLY C 232 20.62 -7.00 -6.57
CA GLY C 232 21.80 -7.85 -6.23
C GLY C 232 22.95 -7.06 -5.59
N ARG C 233 22.64 -5.87 -5.09
CA ARG C 233 23.66 -4.98 -4.48
C ARG C 233 23.00 -4.02 -3.48
N LEU C 234 23.80 -3.54 -2.52
CA LEU C 234 23.33 -2.46 -1.64
C LEU C 234 23.27 -1.16 -2.46
N GLY C 235 22.40 -0.24 -2.05
CA GLY C 235 22.39 1.05 -2.72
C GLY C 235 23.53 1.92 -2.24
N GLN C 236 23.79 3.01 -2.95
CA GLN C 236 24.83 3.94 -2.55
C GLN C 236 24.15 5.15 -1.99
N ALA C 237 24.83 5.87 -1.09
CA ALA C 237 24.22 7.06 -0.47
C ALA C 237 23.85 8.10 -1.52
N GLU C 238 24.66 8.21 -2.56
CA GLU C 238 24.42 9.13 -3.71
C GLU C 238 23.09 8.84 -4.41
N GLU C 239 22.69 7.55 -4.42
CA GLU C 239 21.41 7.16 -5.02
C GLU C 239 20.20 7.64 -4.24
N ILE C 240 20.30 7.71 -2.93
CA ILE C 240 19.24 8.34 -2.16
C ILE C 240 19.27 9.86 -2.38
N ALA C 241 20.49 10.41 -2.37
CA ALA C 241 20.65 11.88 -2.50
C ALA C 241 20.08 12.38 -3.85
N LYS C 242 20.24 11.60 -4.92
CA LYS C 242 19.65 12.03 -6.21
C LYS C 242 18.12 12.18 -6.15
N VAL C 243 17.50 11.21 -5.49
CA VAL C 243 16.05 11.24 -5.31
C VAL C 243 15.61 12.46 -4.48
N VAL C 244 16.31 12.71 -3.39
CA VAL C 244 15.97 13.84 -2.51
C VAL C 244 16.14 15.16 -3.27
N GLY C 245 17.23 15.28 -4.03
CA GLY C 245 17.50 16.50 -4.81
C GLY C 245 16.40 16.73 -5.84
N PHE C 246 15.91 15.64 -6.45
CA PHE C 246 14.78 15.78 -7.36
C PHE C 246 13.49 16.28 -6.66
N LEU C 247 13.13 15.66 -5.54
CA LEU C 247 11.95 16.10 -4.79
C LEU C 247 12.04 17.56 -4.31
N ALA C 248 13.25 18.01 -4.01
CA ALA C 248 13.44 19.42 -3.61
C ALA C 248 13.17 20.45 -4.73
N SER C 249 13.16 20.01 -6.00
CA SER C 249 13.08 20.91 -7.12
C SER C 249 11.63 21.24 -7.51
N ASP C 250 11.45 22.27 -8.34
CA ASP C 250 10.10 22.58 -8.81
CA ASP C 250 10.18 22.68 -8.95
C ASP C 250 9.58 21.57 -9.82
N GLY C 251 10.44 20.68 -10.30
CA GLY C 251 9.98 19.56 -11.15
C GLY C 251 9.08 18.57 -10.39
N ALA C 252 9.23 18.55 -9.06
CA ALA C 252 8.46 17.70 -8.19
C ALA C 252 7.38 18.46 -7.44
N ALA C 253 6.95 19.61 -7.96
CA ALA C 253 5.97 20.43 -7.25
C ALA C 253 4.59 19.78 -7.09
N TYR C 254 4.25 18.83 -7.96
CA TYR C 254 2.96 18.16 -7.85
C TYR C 254 3.00 16.82 -7.06
N VAL C 255 4.14 16.50 -6.48
CA VAL C 255 4.33 15.33 -5.63
C VAL C 255 4.21 15.78 -4.18
N THR C 256 3.18 15.31 -3.49
CA THR C 256 3.10 15.58 -2.03
C THR C 256 2.38 14.47 -1.29
N GLY C 257 2.85 14.21 -0.06
CA GLY C 257 2.31 13.14 0.78
C GLY C 257 2.74 11.74 0.30
N ALA C 258 3.75 11.70 -0.56
CA ALA C 258 4.22 10.46 -1.18
C ALA C 258 5.33 9.87 -0.33
N THR C 259 5.44 8.54 -0.38
CA THR C 259 6.64 7.84 0.11
C THR C 259 7.30 7.21 -1.12
N VAL C 260 8.53 7.61 -1.42
CA VAL C 260 9.22 7.06 -2.61
C VAL C 260 10.18 5.99 -2.10
N PRO C 261 9.95 4.72 -2.48
CA PRO C 261 10.85 3.66 -2.06
C PRO C 261 12.10 3.64 -2.94
N VAL C 262 13.26 3.46 -2.29
CA VAL C 262 14.54 3.43 -3.03
C VAL C 262 15.30 2.24 -2.43
N ASN C 263 14.89 1.05 -2.85
CA ASN C 263 15.31 -0.17 -2.18
C ASN C 263 15.78 -1.29 -3.07
N GLY C 264 15.96 -1.00 -4.36
CA GLY C 264 16.49 -1.98 -5.31
C GLY C 264 15.52 -3.14 -5.56
N GLY C 265 14.24 -2.91 -5.25
CA GLY C 265 13.18 -3.90 -5.46
C GLY C 265 13.05 -4.88 -4.31
N MET C 266 13.78 -4.63 -3.22
CA MET C 266 13.71 -5.51 -2.06
C MET C 266 12.27 -5.57 -1.51
N TYR C 267 11.53 -4.47 -1.65
CA TYR C 267 10.16 -4.42 -1.20
C TYR C 267 9.39 -3.52 -2.10
N MET C 268 8.23 -4.02 -2.52
CA MET C 268 7.46 -3.31 -3.48
C MET C 268 6.08 -3.19 -2.88
N SER C 269 5.62 -1.94 -2.77
CA SER C 269 4.26 -1.64 -2.33
C SER C 269 3.57 -0.66 -3.30
N MET D 23 -18.44 -20.09 22.99
CA MET D 23 -18.14 -20.18 21.52
C MET D 23 -16.63 -20.19 21.20
N SER D 24 -16.26 -19.42 20.18
CA SER D 24 -14.98 -19.58 19.56
C SER D 24 -13.79 -19.16 20.44
N LEU D 25 -14.05 -18.45 21.56
CA LEU D 25 -12.98 -18.03 22.49
C LEU D 25 -13.06 -18.61 23.90
N GLN D 26 -13.96 -19.57 24.12
CA GLN D 26 -14.19 -20.16 25.44
C GLN D 26 -12.89 -20.67 26.03
N GLY D 27 -12.62 -20.35 27.29
CA GLY D 27 -11.37 -20.80 27.94
C GLY D 27 -10.21 -19.81 27.86
N LYS D 28 -10.37 -18.73 27.09
CA LYS D 28 -9.28 -17.75 26.95
C LYS D 28 -9.60 -16.51 27.78
N VAL D 29 -8.54 -15.87 28.27
CA VAL D 29 -8.64 -14.56 28.91
C VAL D 29 -8.19 -13.50 27.91
N ALA D 30 -9.03 -12.46 27.75
CA ALA D 30 -8.75 -11.32 26.89
C ALA D 30 -8.58 -10.05 27.73
N LEU D 31 -7.64 -9.20 27.33
CA LEU D 31 -7.41 -7.89 27.94
C LEU D 31 -7.70 -6.85 26.89
N VAL D 32 -8.60 -5.93 27.18
CA VAL D 32 -9.03 -4.91 26.22
C VAL D 32 -8.82 -3.54 26.88
N THR D 33 -7.94 -2.72 26.33
CA THR D 33 -7.67 -1.44 26.97
C THR D 33 -8.67 -0.42 26.47
N GLY D 34 -9.01 0.56 27.31
CA GLY D 34 -9.95 1.59 26.91
C GLY D 34 -11.38 1.07 26.70
N ALA D 35 -11.84 0.21 27.60
CA ALA D 35 -13.09 -0.53 27.40
C ALA D 35 -14.32 0.12 28.02
N SER D 36 -14.18 1.35 28.55
CA SER D 36 -15.31 1.95 29.27
C SER D 36 -16.42 2.51 28.36
N ARG D 37 -16.14 2.73 27.07
CA ARG D 37 -17.20 3.18 26.14
C ARG D 37 -16.83 2.95 24.68
N GLY D 38 -17.74 3.33 23.77
CA GLY D 38 -17.45 3.31 22.34
C GLY D 38 -16.91 1.99 21.85
N ILE D 39 -15.89 2.07 20.99
CA ILE D 39 -15.27 0.91 20.35
C ILE D 39 -14.73 -0.09 21.36
N GLY D 40 -13.97 0.39 22.37
CA GLY D 40 -13.40 -0.52 23.39
C GLY D 40 -14.50 -1.30 24.11
N GLN D 41 -15.58 -0.62 24.48
CA GLN D 41 -16.70 -1.30 25.14
C GLN D 41 -17.30 -2.39 24.24
N ALA D 42 -17.47 -2.06 22.96
CA ALA D 42 -18.10 -2.97 22.03
C ALA D 42 -17.16 -4.16 21.82
N ILE D 43 -15.85 -3.90 21.78
CA ILE D 43 -14.87 -5.00 21.62
C ILE D 43 -14.93 -5.96 22.84
N ALA D 44 -14.98 -5.37 24.03
CA ALA D 44 -15.09 -6.16 25.28
C ALA D 44 -16.32 -7.09 25.24
N LEU D 45 -17.45 -6.53 24.84
CA LEU D 45 -18.67 -7.27 24.81
C LEU D 45 -18.67 -8.37 23.76
N GLU D 46 -18.10 -8.09 22.60
CA GLU D 46 -17.99 -9.08 21.53
C GLU D 46 -17.09 -10.25 21.92
N LEU D 47 -15.93 -9.97 22.49
CA LEU D 47 -15.04 -11.05 22.93
C LEU D 47 -15.73 -11.88 24.02
N GLY D 48 -16.43 -11.19 24.92
CA GLY D 48 -17.23 -11.83 25.94
C GLY D 48 -18.30 -12.74 25.36
N ARG D 49 -19.02 -12.23 24.35
CA ARG D 49 -20.09 -13.02 23.73
CA ARG D 49 -20.08 -12.98 23.65
C ARG D 49 -19.55 -14.25 23.02
N LEU D 50 -18.28 -14.18 22.64
CA LEU D 50 -17.60 -15.30 22.00
C LEU D 50 -17.07 -16.30 23.03
N GLY D 51 -17.18 -15.96 24.31
CA GLY D 51 -16.82 -16.89 25.39
C GLY D 51 -15.55 -16.59 26.16
N ALA D 52 -14.87 -15.50 25.81
CA ALA D 52 -13.66 -15.10 26.57
C ALA D 52 -14.01 -14.57 27.95
N VAL D 53 -13.10 -14.75 28.90
CA VAL D 53 -13.14 -13.99 30.16
C VAL D 53 -12.46 -12.65 29.84
N VAL D 54 -13.15 -11.54 30.09
CA VAL D 54 -12.69 -10.24 29.59
C VAL D 54 -12.28 -9.31 30.73
N ILE D 55 -11.04 -8.86 30.68
CA ILE D 55 -10.54 -7.82 31.55
C ILE D 55 -10.49 -6.52 30.75
N GLY D 56 -11.41 -5.61 31.04
CA GLY D 56 -11.46 -4.30 30.36
C GLY D 56 -10.80 -3.27 31.23
N THR D 57 -10.07 -2.33 30.63
CA THR D 57 -9.39 -1.30 31.42
C THR D 57 -9.94 0.11 31.22
N ALA D 58 -9.74 0.96 32.24
CA ALA D 58 -10.11 2.35 32.18
C ALA D 58 -9.07 3.17 32.95
N THR D 59 -9.12 4.48 32.76
CA THR D 59 -8.16 5.37 33.43
C THR D 59 -8.60 5.74 34.85
N SER D 60 -9.89 5.60 35.12
CA SER D 60 -10.48 6.02 36.40
C SER D 60 -11.23 4.88 37.03
N ALA D 61 -11.34 4.97 38.36
CA ALA D 61 -12.17 4.08 39.18
C ALA D 61 -13.62 3.99 38.66
N SER D 62 -14.17 5.13 38.26
CA SER D 62 -15.55 5.16 37.80
C SER D 62 -15.69 4.30 36.53
N GLY D 63 -14.77 4.48 35.58
CA GLY D 63 -14.71 3.68 34.36
C GLY D 63 -14.53 2.19 34.61
N ALA D 64 -13.68 1.82 35.58
CA ALA D 64 -13.35 0.41 35.85
C ALA D 64 -14.54 -0.31 36.47
N GLU D 65 -15.24 0.39 37.37
CA GLU D 65 -16.46 -0.10 37.97
C GLU D 65 -17.58 -0.21 36.93
N LYS D 66 -17.70 0.79 36.06
CA LYS D 66 -18.61 0.74 34.90
C LYS D 66 -18.35 -0.50 34.00
N ILE D 67 -17.08 -0.78 33.70
CA ILE D 67 -16.73 -1.98 32.89
C ILE D 67 -17.26 -3.25 33.56
N ALA D 68 -16.94 -3.41 34.86
CA ALA D 68 -17.36 -4.61 35.60
C ALA D 68 -18.88 -4.78 35.53
N GLU D 69 -19.62 -3.68 35.76
CA GLU D 69 -21.10 -3.66 35.76
C GLU D 69 -21.69 -4.01 34.40
N THR D 70 -21.10 -3.43 33.36
CA THR D 70 -21.56 -3.62 31.99
C THR D 70 -21.35 -5.06 31.53
N LEU D 71 -20.18 -5.61 31.83
CA LEU D 71 -19.96 -7.02 31.51
C LEU D 71 -20.97 -7.90 32.23
N LYS D 72 -21.15 -7.67 33.52
CA LYS D 72 -22.12 -8.46 34.29
C LYS D 72 -23.52 -8.39 33.67
N ALA D 73 -23.94 -7.16 33.37
CA ALA D 73 -25.28 -6.90 32.82
C ALA D 73 -25.51 -7.59 31.48
N ASN D 74 -24.43 -7.89 30.78
CA ASN D 74 -24.47 -8.59 29.50
C ASN D 74 -24.13 -10.08 29.58
N GLY D 75 -23.96 -10.56 30.80
CA GLY D 75 -23.73 -11.98 31.05
C GLY D 75 -22.33 -12.41 30.66
N VAL D 76 -21.39 -11.45 30.69
CA VAL D 76 -20.00 -11.77 30.39
C VAL D 76 -19.18 -11.87 31.68
N GLU D 77 -18.38 -12.91 31.79
CA GLU D 77 -17.47 -13.02 32.94
C GLU D 77 -16.24 -12.16 32.69
N GLY D 78 -15.75 -11.50 33.73
CA GLY D 78 -14.56 -10.69 33.60
C GLY D 78 -14.45 -9.69 34.74
N ALA D 79 -13.68 -8.63 34.49
CA ALA D 79 -13.40 -7.61 35.51
C ALA D 79 -13.02 -6.30 34.87
N GLY D 80 -13.11 -5.23 35.65
CA GLY D 80 -12.59 -3.93 35.23
C GLY D 80 -11.27 -3.72 35.93
N LEU D 81 -10.40 -2.95 35.30
CA LEU D 81 -9.06 -2.72 35.81
C LEU D 81 -8.69 -1.27 35.55
N VAL D 82 -8.22 -0.58 36.58
CA VAL D 82 -7.65 0.75 36.37
C VAL D 82 -6.27 0.58 35.74
N LEU D 83 -6.06 1.25 34.62
CA LEU D 83 -4.79 1.15 33.91
C LEU D 83 -4.49 2.47 33.20
N ASP D 84 -3.31 3.02 33.49
CA ASP D 84 -2.79 4.17 32.73
C ASP D 84 -1.76 3.67 31.72
N VAL D 85 -2.16 3.50 30.46
CA VAL D 85 -1.27 2.95 29.42
C VAL D 85 -0.10 3.91 29.06
N SER D 86 -0.10 5.15 29.60
CA SER D 86 1.00 6.08 29.36
C SER D 86 2.10 5.99 30.41
N SER D 87 1.86 5.19 31.44
CA SER D 87 2.78 5.09 32.56
C SER D 87 3.50 3.74 32.54
N ASP D 88 4.83 3.80 32.54
CA ASP D 88 5.64 2.57 32.59
C ASP D 88 5.29 1.71 33.80
N GLU D 89 5.08 2.38 34.93
CA GLU D 89 4.85 1.70 36.22
C GLU D 89 3.45 1.08 36.32
N SER D 90 2.41 1.87 36.03
CA SER D 90 1.03 1.38 36.02
C SER D 90 0.88 0.10 35.18
N VAL D 91 1.38 0.11 33.94
CA VAL D 91 1.33 -1.10 33.10
C VAL D 91 2.12 -2.27 33.72
N ALA D 92 3.42 -2.05 33.96
CA ALA D 92 4.34 -3.14 34.31
C ALA D 92 3.89 -3.83 35.59
N ALA D 93 3.57 -3.03 36.59
CA ALA D 93 3.12 -3.56 37.87
C ALA D 93 1.75 -4.25 37.75
N THR D 94 0.81 -3.56 37.11
CA THR D 94 -0.60 -4.00 37.04
C THR D 94 -0.77 -5.30 36.25
N LEU D 95 0.04 -5.46 35.21
CA LEU D 95 0.02 -6.70 34.46
C LEU D 95 0.70 -7.87 35.18
N GLU D 96 1.82 -7.58 35.84
CA GLU D 96 2.51 -8.55 36.69
C GLU D 96 1.55 -9.10 37.75
N HIS D 97 0.74 -8.22 38.33
CA HIS D 97 -0.36 -8.63 39.23
C HIS D 97 -1.35 -9.61 38.57
N ILE D 98 -2.00 -9.19 37.49
CA ILE D 98 -3.02 -10.01 36.81
C ILE D 98 -2.49 -11.41 36.46
N GLN D 99 -1.25 -11.43 35.95
CA GLN D 99 -0.60 -12.66 35.52
C GLN D 99 -0.18 -13.55 36.71
N GLN D 100 -0.27 -13.03 37.93
CA GLN D 100 0.09 -13.80 39.13
C GLN D 100 -1.11 -14.18 40.00
N HIS D 101 -2.28 -13.60 39.71
CA HIS D 101 -3.47 -13.81 40.55
C HIS D 101 -4.77 -14.08 39.77
N LEU D 102 -4.96 -13.43 38.63
CA LEU D 102 -6.20 -13.60 37.85
C LEU D 102 -6.05 -14.58 36.68
N GLY D 103 -4.86 -14.58 36.05
CA GLY D 103 -4.57 -15.52 34.97
C GLY D 103 -3.85 -14.86 33.79
N GLN D 104 -3.73 -15.59 32.68
CA GLN D 104 -2.85 -15.19 31.58
C GLN D 104 -3.58 -14.70 30.35
N PRO D 105 -3.56 -13.37 30.07
CA PRO D 105 -4.25 -12.91 28.85
C PRO D 105 -3.59 -13.45 27.56
N LEU D 106 -4.34 -14.16 26.75
CA LEU D 106 -3.80 -14.67 25.48
C LEU D 106 -4.32 -13.91 24.27
N ILE D 107 -5.31 -13.06 24.51
CA ILE D 107 -5.83 -12.13 23.51
C ILE D 107 -5.67 -10.74 24.11
N VAL D 108 -4.91 -9.90 23.44
CA VAL D 108 -4.71 -8.54 23.93
C VAL D 108 -5.13 -7.53 22.86
N VAL D 109 -6.05 -6.62 23.23
CA VAL D 109 -6.50 -5.58 22.32
C VAL D 109 -6.06 -4.20 22.84
N ASN D 110 -5.13 -3.61 22.10
CA ASN D 110 -4.62 -2.24 22.39
C ASN D 110 -5.52 -1.20 21.71
N ASN D 111 -6.39 -0.60 22.51
CA ASN D 111 -7.42 0.32 22.01
C ASN D 111 -7.41 1.69 22.66
N ALA D 112 -6.92 1.77 23.88
CA ALA D 112 -6.79 3.04 24.57
C ALA D 112 -5.99 4.02 23.70
N GLY D 113 -6.49 5.24 23.58
CA GLY D 113 -5.97 6.17 22.58
C GLY D 113 -6.52 7.55 22.93
N ILE D 114 -5.82 8.62 22.55
CA ILE D 114 -6.32 10.01 22.79
C ILE D 114 -6.09 10.84 21.53
N THR D 115 -6.74 12.01 21.42
CA THR D 115 -6.39 12.97 20.40
C THR D 115 -6.05 14.27 21.09
N ARG D 116 -5.18 15.04 20.44
CA ARG D 116 -4.91 16.43 20.87
C ARG D 116 -4.76 17.32 19.61
N ASP D 117 -5.89 17.74 19.04
CA ASP D 117 -5.84 18.26 17.67
C ASP D 117 -5.37 19.69 17.68
N ASN D 118 -4.57 20.01 16.67
CA ASN D 118 -4.10 21.36 16.37
C ASN D 118 -3.29 21.31 15.08
N LEU D 119 -3.35 22.40 14.31
CA LEU D 119 -2.45 22.58 13.18
C LEU D 119 -1.02 22.54 13.79
N LEU D 120 -0.07 21.93 13.08
CA LEU D 120 1.28 21.80 13.62
C LEU D 120 1.88 23.13 14.08
N VAL D 121 1.59 24.22 13.37
CA VAL D 121 2.19 25.52 13.75
C VAL D 121 1.64 26.03 15.08
N ARG D 122 0.46 25.53 15.46
CA ARG D 122 -0.20 25.93 16.71
C ARG D 122 -0.07 24.87 17.82
N MET D 123 0.53 23.74 17.50
CA MET D 123 0.49 22.61 18.39
C MET D 123 1.47 22.79 19.57
N LYS D 124 0.97 22.57 20.79
CA LYS D 124 1.83 22.64 21.98
C LYS D 124 2.64 21.37 22.19
N ASP D 125 3.78 21.47 22.87
CA ASP D 125 4.65 20.29 23.09
C ASP D 125 3.86 19.14 23.72
N ASP D 126 3.11 19.43 24.78
CA ASP D 126 2.34 18.39 25.49
C ASP D 126 1.36 17.72 24.51
N GLU D 127 0.81 18.47 23.57
CA GLU D 127 -0.18 17.92 22.62
C GLU D 127 0.46 16.88 21.72
N TRP D 128 1.72 17.15 21.31
CA TRP D 128 2.43 16.18 20.49
C TRP D 128 2.84 14.95 21.34
N PHE D 129 3.58 15.21 22.41
CA PHE D 129 4.19 14.14 23.17
C PHE D 129 3.16 13.22 23.87
N ASP D 130 2.06 13.80 24.38
CA ASP D 130 1.01 12.99 25.04
C ASP D 130 0.34 12.01 24.09
N VAL D 131 0.11 12.44 22.83
CA VAL D 131 -0.48 11.54 21.84
C VAL D 131 0.53 10.44 21.44
N VAL D 132 1.78 10.80 21.21
CA VAL D 132 2.75 9.75 20.86
C VAL D 132 2.95 8.77 22.03
N ASN D 133 3.06 9.32 23.24
CA ASN D 133 3.29 8.45 24.43
C ASN D 133 2.11 7.54 24.79
N THR D 134 0.89 8.07 24.68
CA THR D 134 -0.29 7.27 25.00
C THR D 134 -0.68 6.30 23.89
N ASN D 135 -0.53 6.71 22.63
CA ASN D 135 -1.10 5.97 21.51
C ASN D 135 -0.10 5.01 20.90
N LEU D 136 1.17 5.37 20.97
CA LEU D 136 2.23 4.57 20.34
C LEU D 136 3.11 3.84 21.37
N ASN D 137 3.64 4.56 22.34
CA ASN D 137 4.53 3.94 23.35
C ASN D 137 3.79 2.91 24.23
N SER D 138 2.48 3.05 24.34
CA SER D 138 1.64 2.09 25.08
C SER D 138 1.73 0.70 24.47
N LEU D 139 1.93 0.63 23.15
CA LEU D 139 2.04 -0.67 22.49
C LEU D 139 3.23 -1.46 22.97
N TYR D 140 4.35 -0.78 23.17
CA TYR D 140 5.54 -1.38 23.70
C TYR D 140 5.27 -1.90 25.15
N ARG D 141 4.70 -1.04 25.99
CA ARG D 141 4.48 -1.38 27.42
C ARG D 141 3.61 -2.65 27.56
N LEU D 142 2.45 -2.65 26.92
CA LEU D 142 1.50 -3.77 26.99
C LEU D 142 2.05 -5.05 26.36
N SER D 143 2.60 -4.92 25.14
CA SER D 143 3.13 -6.09 24.39
C SER D 143 4.27 -6.77 25.12
N LYS D 144 5.18 -5.98 25.68
CA LYS D 144 6.29 -6.51 26.44
C LYS D 144 5.80 -7.36 27.62
N ALA D 145 4.73 -6.91 28.25
CA ALA D 145 4.23 -7.52 29.46
C ALA D 145 3.54 -8.87 29.23
N VAL D 146 3.01 -9.11 28.03
CA VAL D 146 2.13 -10.25 27.78
C VAL D 146 2.79 -11.32 26.92
N LEU D 147 3.88 -10.97 26.24
CA LEU D 147 4.49 -11.91 25.28
C LEU D 147 5.02 -13.19 25.89
N ARG D 148 5.55 -13.13 27.11
CA ARG D 148 6.07 -14.35 27.75
C ARG D 148 5.00 -15.42 27.91
N GLY D 149 3.81 -15.01 28.33
CA GLY D 149 2.71 -15.95 28.56
C GLY D 149 2.22 -16.56 27.27
N MET D 150 2.10 -15.73 26.22
CA MET D 150 1.75 -16.23 24.90
C MET D 150 2.80 -17.19 24.32
N THR D 151 4.08 -16.83 24.46
CA THR D 151 5.15 -17.71 23.95
C THR D 151 5.13 -19.07 24.64
N LYS D 152 4.89 -19.10 25.96
CA LYS D 152 4.76 -20.35 26.72
C LYS D 152 3.54 -21.17 26.26
N ALA D 153 2.42 -20.48 26.05
CA ALA D 153 1.18 -21.09 25.60
C ALA D 153 1.24 -21.59 24.15
N ARG D 154 2.23 -21.09 23.39
CA ARG D 154 2.34 -21.32 21.95
C ARG D 154 1.07 -20.91 21.19
N TRP D 155 0.47 -19.80 21.63
CA TRP D 155 -0.73 -19.26 20.99
C TRP D 155 -0.95 -17.86 21.53
N GLY D 156 -1.40 -16.96 20.65
CA GLY D 156 -1.71 -15.60 21.08
C GLY D 156 -2.32 -14.75 19.99
N ARG D 157 -3.00 -13.68 20.42
CA ARG D 157 -3.56 -12.71 19.51
C ARG D 157 -3.26 -11.35 20.11
N ILE D 158 -2.57 -10.53 19.35
CA ILE D 158 -2.46 -9.12 19.67
C ILE D 158 -3.14 -8.33 18.57
N ILE D 159 -4.08 -7.48 18.96
CA ILE D 159 -4.83 -6.75 17.99
C ILE D 159 -4.80 -5.24 18.37
N ASN D 160 -4.24 -4.43 17.47
CA ASN D 160 -3.98 -3.02 17.74
C ASN D 160 -5.00 -2.18 16.99
N ILE D 161 -5.71 -1.32 17.71
CA ILE D 161 -6.76 -0.51 17.07
C ILE D 161 -6.09 0.80 16.61
N GLY D 162 -5.99 0.94 15.29
CA GLY D 162 -5.39 2.12 14.64
C GLY D 162 -6.48 3.08 14.22
N SER D 163 -6.33 3.65 13.01
CA SER D 163 -7.31 4.64 12.49
C SER D 163 -7.06 4.84 11.02
N VAL D 164 -8.12 5.12 10.30
CA VAL D 164 -7.97 5.51 8.89
C VAL D 164 -7.00 6.71 8.75
N VAL D 165 -6.93 7.55 9.79
CA VAL D 165 -6.07 8.72 9.80
C VAL D 165 -4.59 8.33 9.63
N GLY D 166 -4.23 7.17 10.16
CA GLY D 166 -2.89 6.61 9.95
C GLY D 166 -2.49 6.52 8.48
N ALA D 167 -3.33 5.90 7.65
CA ALA D 167 -3.02 5.70 6.24
C ALA D 167 -3.29 6.94 5.38
N MET D 168 -4.26 7.75 5.79
CA MET D 168 -4.78 8.80 4.93
C MET D 168 -4.22 10.18 5.28
N GLY D 169 -3.83 10.37 6.55
CA GLY D 169 -3.47 11.70 7.04
C GLY D 169 -4.72 12.51 7.24
N ASN D 170 -4.62 13.55 8.08
CA ASN D 170 -5.73 14.49 8.30
C ASN D 170 -5.11 15.78 8.83
N ALA D 171 -5.46 16.90 8.22
CA ALA D 171 -5.01 18.21 8.72
C ALA D 171 -5.45 18.42 10.17
N GLY D 172 -4.56 18.95 11.01
CA GLY D 172 -4.92 19.12 12.44
C GLY D 172 -4.59 17.91 13.31
N GLN D 173 -4.14 16.82 12.69
CA GLN D 173 -3.87 15.58 13.41
C GLN D 173 -2.53 14.93 13.05
N THR D 174 -1.51 15.76 12.84
CA THR D 174 -0.16 15.19 12.56
C THR D 174 0.34 14.24 13.66
N ASN D 175 0.03 14.57 14.91
CA ASN D 175 0.40 13.71 16.03
C ASN D 175 -0.34 12.38 16.02
N TYR D 176 -1.66 12.47 15.85
CA TYR D 176 -2.53 11.29 15.81
C TYR D 176 -2.18 10.40 14.60
N ALA D 177 -1.98 11.04 13.44
CA ALA D 177 -1.59 10.27 12.24
C ALA D 177 -0.22 9.57 12.42
N ALA D 178 0.72 10.30 13.01
CA ALA D 178 2.05 9.71 13.31
C ALA D 178 1.90 8.53 14.25
N ALA D 179 1.13 8.69 15.31
CA ALA D 179 0.98 7.61 16.30
C ALA D 179 0.28 6.38 15.69
N LYS D 180 -0.77 6.62 14.91
CA LYS D 180 -1.60 5.53 14.38
C LYS D 180 -0.94 4.83 13.20
N ALA D 181 -0.16 5.56 12.40
CA ALA D 181 0.68 4.92 11.36
C ALA D 181 1.84 4.17 12.02
N GLY D 182 2.41 4.75 13.06
CA GLY D 182 3.44 4.04 13.86
C GLY D 182 2.92 2.71 14.42
N LEU D 183 1.66 2.70 14.84
CA LEU D 183 1.02 1.48 15.37
C LEU D 183 1.01 0.34 14.34
N GLU D 184 0.76 0.70 13.08
CA GLU D 184 0.79 -0.30 12.02
C GLU D 184 2.21 -0.82 11.73
N GLY D 185 3.21 0.06 11.77
CA GLY D 185 4.62 -0.37 11.61
C GLY D 185 5.02 -1.31 12.74
N PHE D 186 4.63 -0.94 13.96
CA PHE D 186 4.89 -1.82 15.14
C PHE D 186 4.25 -3.21 14.92
N THR D 187 3.00 -3.19 14.43
CA THR D 187 2.20 -4.43 14.20
C THR D 187 2.97 -5.37 13.27
N ARG D 188 3.45 -4.82 12.16
CA ARG D 188 4.10 -5.64 11.15
C ARG D 188 5.43 -6.18 11.67
N ALA D 189 6.19 -5.33 12.35
CA ALA D 189 7.50 -5.82 12.85
C ALA D 189 7.32 -6.90 13.94
N LEU D 190 6.36 -6.68 14.83
CA LEU D 190 6.15 -7.66 15.91
C LEU D 190 5.65 -9.01 15.38
N ALA D 191 4.76 -8.95 14.38
CA ALA D 191 4.26 -10.15 13.71
C ALA D 191 5.41 -11.01 13.22
N ARG D 192 6.45 -10.38 12.69
CA ARG D 192 7.64 -11.11 12.22
C ARG D 192 8.42 -11.76 13.33
N GLU D 193 8.43 -11.12 14.50
CA GLU D 193 9.15 -11.65 15.65
C GLU D 193 8.48 -12.90 16.28
N VAL D 194 7.15 -12.89 16.31
CA VAL D 194 6.41 -13.86 17.17
C VAL D 194 5.68 -14.98 16.42
N GLY D 195 5.68 -14.88 15.08
CA GLY D 195 4.94 -15.83 14.23
C GLY D 195 5.35 -17.27 14.44
N SER D 196 6.65 -17.52 14.67
CA SER D 196 7.08 -18.90 14.87
C SER D 196 6.46 -19.53 16.14
N ARG D 197 5.90 -18.72 17.04
CA ARG D 197 5.17 -19.26 18.18
C ARG D 197 3.65 -19.27 18.03
N ALA D 198 3.13 -19.03 16.81
CA ALA D 198 1.68 -19.09 16.55
C ALA D 198 0.95 -17.99 17.29
N ILE D 199 1.63 -16.85 17.44
CA ILE D 199 1.04 -15.61 17.90
C ILE D 199 0.86 -14.71 16.66
N THR D 200 -0.36 -14.24 16.41
CA THR D 200 -0.56 -13.29 15.32
C THR D 200 -0.69 -11.89 15.90
N VAL D 201 -0.29 -10.91 15.10
CA VAL D 201 -0.36 -9.49 15.48
C VAL D 201 -0.95 -8.74 14.30
N ASN D 202 -2.09 -8.08 14.52
CA ASN D 202 -2.77 -7.42 13.44
C ASN D 202 -3.31 -6.10 13.93
N ALA D 203 -3.63 -5.27 12.96
CA ALA D 203 -4.25 -3.98 13.27
C ALA D 203 -5.61 -3.91 12.63
N VAL D 204 -6.50 -3.16 13.28
CA VAL D 204 -7.81 -2.82 12.71
C VAL D 204 -7.85 -1.30 12.65
N ALA D 205 -8.21 -0.76 11.49
CA ALA D 205 -8.25 0.71 11.34
C ALA D 205 -9.68 1.20 11.08
N PRO D 206 -10.38 1.65 12.15
CA PRO D 206 -11.71 2.19 11.93
C PRO D 206 -11.65 3.49 11.19
N GLY D 207 -12.71 3.71 10.41
CA GLY D 207 -13.05 4.99 9.84
C GLY D 207 -13.79 5.85 10.87
N PHE D 208 -14.82 6.52 10.41
CA PHE D 208 -15.66 7.36 11.26
C PHE D 208 -16.85 6.59 11.79
N ILE D 209 -16.92 6.53 13.10
CA ILE D 209 -17.85 5.65 13.77
C ILE D 209 -18.83 6.54 14.55
N ASP D 210 -20.09 6.12 14.60
CA ASP D 210 -21.13 6.83 15.34
C ASP D 210 -20.89 6.69 16.86
N THR D 211 -19.83 7.31 17.37
CA THR D 211 -19.63 7.51 18.80
C THR D 211 -19.11 8.92 19.01
N GLU D 219 -24.10 19.14 11.68
CA GLU D 219 -25.16 18.74 10.76
C GLU D 219 -25.08 19.51 9.43
N ALA D 220 -23.86 19.87 9.06
CA ALA D 220 -23.56 20.51 7.78
C ALA D 220 -22.26 19.91 7.26
N GLN D 221 -21.27 19.82 8.17
CA GLN D 221 -20.02 19.09 7.93
C GLN D 221 -20.26 17.57 7.98
N ARG D 222 -21.37 17.17 8.61
CA ARG D 222 -21.82 15.77 8.67
C ARG D 222 -22.14 15.24 7.27
N GLU D 223 -22.94 15.99 6.52
CA GLU D 223 -23.28 15.64 5.12
C GLU D 223 -22.05 15.67 4.21
N ALA D 224 -21.08 16.52 4.57
CA ALA D 224 -19.82 16.60 3.86
C ALA D 224 -18.98 15.35 4.10
N LEU D 225 -18.96 14.89 5.36
CA LEU D 225 -18.24 13.70 5.73
C LEU D 225 -18.81 12.44 5.07
N LEU D 226 -20.13 12.30 5.10
CA LEU D 226 -20.82 11.18 4.48
C LEU D 226 -20.59 11.10 2.96
N GLY D 227 -20.35 12.25 2.34
CA GLY D 227 -20.06 12.30 0.89
C GLY D 227 -18.72 11.68 0.58
N GLN D 228 -17.87 11.51 1.59
CA GLN D 228 -16.57 10.85 1.40
C GLN D 228 -16.67 9.33 1.61
N ILE D 229 -17.86 8.85 1.96
CA ILE D 229 -18.04 7.43 2.36
C ILE D 229 -19.00 6.75 1.38
N PRO D 230 -18.49 5.77 0.58
CA PRO D 230 -19.32 5.03 -0.39
C PRO D 230 -20.59 4.39 0.20
N LEU D 231 -20.49 3.85 1.42
CA LEU D 231 -21.67 3.28 2.09
C LEU D 231 -22.64 4.37 2.57
N GLY D 232 -22.18 5.62 2.63
CA GLY D 232 -23.12 6.75 2.88
C GLY D 232 -23.61 6.82 4.33
N ARG D 233 -22.90 6.18 5.24
CA ARG D 233 -23.27 6.18 6.69
C ARG D 233 -22.02 6.09 7.55
N LEU D 234 -22.10 6.57 8.79
CA LEU D 234 -21.04 6.28 9.77
C LEU D 234 -21.11 4.82 10.20
N GLY D 235 -19.99 4.27 10.69
CA GLY D 235 -19.95 2.89 11.16
C GLY D 235 -20.51 2.79 12.58
N GLN D 236 -20.93 1.60 12.98
CA GLN D 236 -21.31 1.35 14.39
C GLN D 236 -20.13 0.73 15.12
N ALA D 237 -20.03 1.05 16.41
CA ALA D 237 -18.97 0.50 17.23
C ALA D 237 -18.95 -1.02 17.12
N GLU D 238 -20.12 -1.65 16.99
CA GLU D 238 -20.27 -3.12 16.96
C GLU D 238 -19.66 -3.70 15.69
N GLU D 239 -19.63 -2.89 14.65
CA GLU D 239 -19.02 -3.31 13.38
C GLU D 239 -17.50 -3.39 13.49
N ILE D 240 -16.90 -2.54 14.31
CA ILE D 240 -15.45 -2.70 14.55
C ILE D 240 -15.24 -3.96 15.40
N ALA D 241 -16.07 -4.13 16.43
CA ALA D 241 -15.89 -5.23 17.38
C ALA D 241 -16.01 -6.60 16.68
N LYS D 242 -16.92 -6.69 15.69
CA LYS D 242 -17.10 -7.95 14.94
C LYS D 242 -15.82 -8.34 14.19
N VAL D 243 -15.16 -7.35 13.60
CA VAL D 243 -13.85 -7.60 12.95
C VAL D 243 -12.78 -8.06 13.94
N VAL D 244 -12.72 -7.39 15.10
CA VAL D 244 -11.74 -7.77 16.11
C VAL D 244 -11.99 -9.19 16.62
N GLY D 245 -13.28 -9.48 16.86
CA GLY D 245 -13.71 -10.80 17.29
C GLY D 245 -13.24 -11.88 16.29
N PHE D 246 -13.37 -11.59 15.01
CA PHE D 246 -12.94 -12.56 13.99
C PHE D 246 -11.42 -12.76 14.04
N LEU D 247 -10.66 -11.66 14.13
CA LEU D 247 -9.20 -11.77 14.14
C LEU D 247 -8.72 -12.54 15.38
N ALA D 248 -9.47 -12.45 16.46
CA ALA D 248 -9.15 -13.15 17.72
C ALA D 248 -9.33 -14.66 17.61
N SER D 249 -10.16 -15.10 16.67
CA SER D 249 -10.54 -16.54 16.57
C SER D 249 -9.47 -17.41 15.88
N ASP D 250 -9.67 -18.72 15.97
CA ASP D 250 -8.82 -19.74 15.32
C ASP D 250 -8.87 -19.66 13.79
N GLY D 251 -10.00 -19.18 13.29
CA GLY D 251 -10.23 -18.97 11.85
C GLY D 251 -9.34 -17.95 11.17
N ALA D 252 -8.81 -17.01 11.96
CA ALA D 252 -7.87 -16.00 11.49
C ALA D 252 -6.41 -16.37 11.74
N ALA D 253 -6.13 -17.65 11.99
CA ALA D 253 -4.74 -18.04 12.32
C ALA D 253 -3.67 -17.74 11.25
N TYR D 254 -4.08 -17.65 9.98
CA TYR D 254 -3.12 -17.37 8.92
C TYR D 254 -3.04 -15.89 8.52
N VAL D 255 -3.78 -15.06 9.23
CA VAL D 255 -3.71 -13.59 9.06
C VAL D 255 -2.74 -13.01 10.10
N THR D 256 -1.61 -12.46 9.64
CA THR D 256 -0.69 -11.77 10.56
C THR D 256 0.06 -10.63 9.87
N GLY D 257 0.27 -9.57 10.63
CA GLY D 257 0.93 -8.36 10.11
C GLY D 257 -0.04 -7.52 9.27
N ALA D 258 -1.31 -7.89 9.25
CA ALA D 258 -2.35 -7.19 8.43
C ALA D 258 -2.92 -5.94 9.09
N THR D 259 -3.30 -4.94 8.29
CA THR D 259 -4.18 -3.86 8.76
C THR D 259 -5.51 -4.04 8.02
N VAL D 260 -6.57 -4.28 8.76
CA VAL D 260 -7.91 -4.37 8.17
C VAL D 260 -8.63 -3.02 8.32
N PRO D 261 -8.93 -2.36 7.18
CA PRO D 261 -9.65 -1.09 7.23
C PRO D 261 -11.14 -1.34 7.41
N VAL D 262 -11.80 -0.60 8.30
CA VAL D 262 -13.24 -0.78 8.54
C VAL D 262 -13.78 0.64 8.49
N ASN D 263 -13.96 1.16 7.28
CA ASN D 263 -14.19 2.57 7.10
C ASN D 263 -15.26 2.90 6.05
N GLY D 264 -16.06 1.89 5.68
CA GLY D 264 -17.15 2.12 4.74
C GLY D 264 -16.70 2.52 3.34
N GLY D 265 -15.42 2.30 3.03
CA GLY D 265 -14.87 2.68 1.71
C GLY D 265 -14.30 4.11 1.65
N MET D 266 -14.31 4.83 2.79
CA MET D 266 -13.70 6.18 2.84
C MET D 266 -12.27 6.16 2.32
N TYR D 267 -11.52 5.13 2.69
CA TYR D 267 -10.15 4.95 2.21
CA TYR D 267 -10.16 4.94 2.20
C TYR D 267 -9.92 3.51 1.80
N MET D 268 -9.32 3.31 0.64
CA MET D 268 -9.13 1.97 0.12
C MET D 268 -7.63 1.79 -0.15
N SER D 269 -7.08 0.70 0.32
CA SER D 269 -5.63 0.42 0.21
C SER D 269 -5.45 -1.04 -0.20
PA NDP E . -6.78 -24.80 -7.96
O1A NDP E . -6.05 -24.78 -9.24
O2A NDP E . -6.61 -25.84 -6.95
O5B NDP E . -8.38 -24.71 -8.30
C5B NDP E . -8.84 -23.68 -9.20
C4B NDP E . -10.41 -23.71 -9.35
O4B NDP E . -10.70 -22.75 -10.40
C3B NDP E . -10.86 -25.09 -9.82
O3B NDP E . -12.10 -25.45 -9.15
C2B NDP E . -10.98 -24.89 -11.34
O2B NDP E . -11.96 -25.76 -11.90
C1B NDP E . -11.47 -23.43 -11.39
N9A NDP E . -11.19 -22.85 -12.72
C8A NDP E . -9.99 -22.76 -13.34
N7A NDP E . -10.15 -22.19 -14.54
C5A NDP E . -11.45 -21.88 -14.66
C6A NDP E . -12.23 -21.26 -15.65
N6A NDP E . -11.68 -20.86 -16.80
N1A NDP E . -13.55 -21.07 -15.43
C2A NDP E . -14.12 -21.52 -14.31
N3A NDP E . -13.45 -22.12 -13.34
C4A NDP E . -12.11 -22.31 -13.51
O3 NDP E . -6.52 -23.28 -7.30
PN NDP E . -6.61 -22.78 -5.83
O1N NDP E . -5.24 -22.88 -5.29
O2N NDP E . -7.73 -23.36 -5.05
O5D NDP E . -6.90 -21.25 -6.25
C5D NDP E . -8.19 -20.60 -6.05
C4D NDP E . -7.96 -19.08 -6.28
O4D NDP E . -7.03 -18.67 -5.27
C3D NDP E . -7.36 -18.76 -7.65
O3D NDP E . -7.91 -17.52 -8.17
C2D NDP E . -5.88 -18.58 -7.30
O2D NDP E . -5.22 -17.66 -8.18
C1D NDP E . -6.00 -17.94 -5.90
N1N NDP E . -4.75 -18.09 -5.08
C2N NDP E . -4.29 -19.33 -4.71
C3N NDP E . -3.15 -19.40 -3.92
C7N NDP E . -2.58 -20.73 -3.47
O7N NDP E . -1.46 -20.65 -2.73
N7N NDP E . -3.20 -21.87 -3.78
C4N NDP E . -2.40 -18.16 -3.45
C5N NDP E . -2.99 -16.96 -3.87
C6N NDP E . -4.12 -16.93 -4.67
P2B NDP E . -11.68 -27.27 -12.24
O1X NDP E . -12.80 -27.65 -13.28
O2X NDP E . -10.30 -27.23 -13.06
O3X NDP E . -11.60 -28.15 -11.05
OH2 1PE F . -29.36 -14.30 5.75
C12 1PE F . -28.89 -13.90 7.02
C22 1PE F . -28.04 -12.66 6.84
OH3 1PE F . -28.93 -11.55 6.55
C13 1PE F . -29.06 -9.27 5.85
C23 1PE F . -28.14 -10.43 6.18
OH4 1PE F . -29.83 -9.65 4.74
C14 1PE F . -31.06 -8.75 2.83
C24 1PE F . -30.52 -8.53 4.21
OH5 1PE F . -31.73 -10.01 2.65
C15 1PE F . -32.98 -11.26 1.04
C25 1PE F . -32.11 -10.08 1.31
OH6 1PE F . -32.16 -12.37 1.39
C16 1PE F . -32.25 -14.59 2.13
C26 1PE F . -33.06 -13.38 1.77
OH7 1PE F . -32.74 -15.02 3.40
C12 1PE G . -32.14 -28.04 10.99
C22 1PE G . -32.85 -26.71 10.85
OH3 1PE G . -32.24 -25.86 9.86
C13 1PE G . -30.60 -24.07 10.18
C23 1PE G . -30.87 -25.54 10.22
OH4 1PE G . -29.15 -24.01 10.18
C14 1PE G . -27.16 -24.27 8.77
C24 1PE G . -28.67 -24.28 8.84
OH5 1PE G . -26.77 -25.14 7.67
C15 1PE G . -26.08 -27.29 7.04
C25 1PE G . -26.28 -26.36 8.19
OH6 1PE G . -25.75 -28.52 7.76
OH2 1PE H . 7.49 -19.67 -9.97
C12 1PE H . 6.17 -19.17 -9.77
C22 1PE H . 5.81 -19.31 -8.29
OH3 1PE H . 6.82 -18.64 -7.53
C13 1PE H . 7.75 -18.08 -5.33
C23 1PE H . 6.58 -18.73 -6.08
PA NDP I . -4.50 11.91 -24.18
O1A NDP I . -5.84 11.27 -24.44
O2A NDP I . -4.36 13.38 -24.24
O5B NDP I . -3.48 11.24 -25.16
C5B NDP I . -3.56 9.84 -25.44
C4B NDP I . -2.28 9.49 -26.15
O4B NDP I . -2.19 8.04 -26.26
C3B NDP I . -2.22 10.03 -27.60
O3B NDP I . -0.85 10.31 -27.96
C2B NDP I . -2.82 8.87 -28.38
O2B NDP I . -2.42 8.88 -29.77
C1B NDP I . -2.23 7.66 -27.65
N9A NDP I . -3.05 6.45 -27.84
C8A NDP I . -4.35 6.24 -27.53
N7A NDP I . -4.68 4.99 -27.86
C5A NDP I . -3.60 4.40 -28.39
C6A NDP I . -3.33 3.16 -28.93
N6A NDP I . -4.25 2.20 -29.01
N1A NDP I . -2.10 2.88 -29.38
C2A NDP I . -1.14 3.82 -29.35
N3A NDP I . -1.35 5.03 -28.87
C4A NDP I . -2.57 5.33 -28.38
O3 NDP I . -3.98 11.23 -22.77
PN NDP I . -3.18 11.94 -21.56
O1N NDP I . -4.15 12.63 -20.67
O2N NDP I . -1.94 12.62 -22.02
O5D NDP I . -2.84 10.57 -20.82
C5D NDP I . -1.64 9.85 -21.10
C4D NDP I . -1.45 8.71 -20.10
O4D NDP I . -1.59 9.23 -18.76
C3D NDP I . -2.59 7.70 -20.32
O3D NDP I . -2.06 6.41 -20.06
C2D NDP I . -3.59 8.06 -19.24
O2D NDP I . -4.36 6.92 -18.87
C1D NDP I . -2.64 8.48 -18.09
N1N NDP I . -3.25 9.39 -17.08
C2N NDP I . -3.75 10.64 -17.45
C3N NDP I . -4.31 11.46 -16.50
C7N NDP I . -4.82 12.82 -16.83
O7N NDP I . -5.37 13.53 -15.85
N7N NDP I . -4.67 13.28 -18.07
C4N NDP I . -4.45 11.04 -15.03
C5N NDP I . -3.91 9.77 -14.75
C6N NDP I . -3.34 8.97 -15.75
P2B NDP I . -3.25 9.80 -30.84
O1X NDP I . -2.77 9.09 -32.17
O2X NDP I . -4.72 9.47 -30.54
O3X NDP I . -2.94 11.26 -30.69
OH2 1PE J . 26.36 6.31 -23.71
C12 1PE J . 25.76 5.87 -24.94
C22 1PE J . 25.65 4.34 -24.99
OH3 1PE J . 24.61 3.93 -24.07
C13 1PE J . 24.45 1.74 -22.77
C23 1PE J . 24.43 2.50 -24.11
OH4 1PE J . 24.75 2.56 -21.63
C14 1PE J . 25.14 2.60 -19.24
C24 1PE J . 24.78 1.76 -20.44
OH5 1PE J . 24.39 3.82 -19.21
C15 1PE J . 24.01 5.79 -17.87
C25 1PE J . 24.89 4.59 -18.12
OH6 1PE J . 23.67 6.43 -19.11
C16 1PE J . 23.50 8.59 -20.15
C26 1PE J . 24.38 7.67 -19.30
OH7 1PE J . 23.66 8.31 -21.55
OH2 1PE K . 18.46 19.38 -33.71
C12 1PE K . 17.32 18.62 -34.13
C22 1PE K . 17.72 17.70 -35.28
OH3 1PE K . 16.62 17.59 -36.24
C13 1PE K . 17.05 17.89 -38.65
C23 1PE K . 16.76 18.55 -37.31
OH4 1PE K . 17.99 18.72 -39.45
C14 1PE K . 17.79 21.09 -40.31
C24 1PE K . 17.24 19.67 -40.25
OH5 1PE K . 16.88 21.85 -41.16
C15 1PE K . 15.78 23.90 -41.57
C25 1PE K . 16.87 23.22 -40.74
OH6 1PE K . 15.13 22.83 -42.29
C16 1PE K . 12.87 22.78 -42.96
C26 1PE K . 14.25 23.30 -43.30
OH7 1PE K . 12.66 21.55 -43.65
PA NDP L . 24.53 6.89 9.83
O1A NDP L . 24.38 6.22 11.12
O2A NDP L . 25.62 6.54 8.89
O5B NDP L . 24.50 8.48 10.07
C5B NDP L . 23.56 9.05 10.98
C4B NDP L . 23.55 10.63 10.84
O4B NDP L . 22.51 11.14 11.71
C3B NDP L . 24.90 11.15 11.35
O3B NDP L . 25.16 12.38 10.67
C2B NDP L . 24.59 11.37 12.85
O2B NDP L . 25.40 12.40 13.39
C1B NDP L . 23.13 11.87 12.78
N9A NDP L . 22.46 11.68 14.06
C8A NDP L . 22.35 10.55 14.81
N7A NDP L . 21.66 10.83 15.93
C5A NDP L . 21.34 12.15 15.88
C6A NDP L . 20.68 13.04 16.72
N6A NDP L . 20.19 12.66 17.88
N1A NDP L . 20.54 14.33 16.32
C2A NDP L . 21.04 14.78 15.20
N3A NDP L . 21.73 13.98 14.39
C4A NDP L . 21.85 12.68 14.71
O3 NDP L . 23.05 6.67 9.09
PN NDP L . 22.67 6.51 7.56
O1N NDP L . 22.79 5.07 7.23
O2N NDP L . 23.28 7.57 6.76
O5D NDP L . 21.09 6.78 7.70
C5D NDP L . 20.57 8.16 7.61
C4D NDP L . 19.01 8.05 7.63
O4D NDP L . 18.61 7.06 6.66
C3D NDP L . 18.56 7.58 9.03
O3D NDP L . 17.27 8.21 9.31
C2D NDP L . 18.35 6.06 8.78
O2D NDP L . 17.38 5.56 9.68
C1D NDP L . 17.81 6.07 7.35
N1N NDP L . 18.00 4.79 6.66
C2N NDP L . 19.29 4.27 6.41
C3N NDP L . 19.37 3.03 5.79
C7N NDP L . 20.70 2.39 5.45
O7N NDP L . 20.64 1.19 4.88
N7N NDP L . 21.84 3.03 5.75
C4N NDP L . 18.13 2.24 5.34
C5N NDP L . 16.91 2.88 5.58
C6N NDP L . 16.86 4.09 6.23
P2B NDP L . 26.89 12.06 14.01
O1X NDP L . 27.17 13.27 14.99
O2X NDP L . 26.75 10.70 14.83
O3X NDP L . 27.86 11.89 12.93
OH2 1PE M . 15.96 31.50 -4.61
C12 1PE M . 16.26 31.71 -3.23
C22 1PE M . 15.01 32.16 -2.48
OH3 1PE M . 13.80 31.76 -3.13
C13 1PE M . 11.38 31.70 -2.70
C23 1PE M . 12.68 32.43 -2.51
OH4 1PE M . 11.21 31.22 -4.05
C14 1PE M . 9.82 29.99 -5.58
C24 1PE M . 10.01 30.44 -4.14
OH5 1PE M . 10.93 29.14 -5.87
C15 1PE M . 11.74 27.37 -7.14
C25 1PE M . 10.71 28.50 -7.11
OH6 1PE M . 13.01 28.04 -7.30
C16 1PE M . 15.31 27.83 -7.84
C26 1PE M . 14.04 27.05 -7.51
OH7 1PE M . 15.78 28.38 -6.61
OH2 1PE N . 18.31 -6.79 12.74
C12 1PE N . 18.55 -5.50 12.22
C22 1PE N . 18.73 -5.47 10.70
OH3 1PE N . 18.08 -6.56 10.01
C13 1PE N . 17.28 -7.43 7.86
C23 1PE N . 18.10 -6.34 8.58
OH2 1PE O . -10.82 -21.21 23.12
C12 1PE O . -11.28 -21.52 21.82
C22 1PE O . -10.22 -21.02 20.86
OH3 1PE O . -8.98 -21.74 21.02
C13 1PE O . -7.14 -22.50 19.66
C23 1PE O . -8.55 -22.03 19.68
OH4 1PE O . -6.55 -22.25 20.92
C14 1PE O . -4.46 -22.91 21.65
C24 1PE O . -5.79 -23.39 21.19
OH5 1PE O . -4.76 -22.45 22.96
C15 1PE O . -3.89 -22.22 25.11
C25 1PE O . -3.67 -22.87 23.77
OH6 1PE O . -5.32 -22.16 25.27
C16 1PE O . -6.93 -21.66 27.01
C26 1PE O . -5.59 -22.32 26.67
OH7 1PE O . -7.98 -22.59 26.73
#